data_3RI6
#
_entry.id   3RI6
#
_cell.length_a   161.800
_cell.length_b   62.500
_cell.length_c   91.600
_cell.angle_alpha   90.00
_cell.angle_beta   120.50
_cell.angle_gamma   90.00
#
_symmetry.space_group_name_H-M   'C 1 2 1'
#
loop_
_entity.id
_entity.type
_entity.pdbx_description
1 polymer 'O-ACETYLHOMOSERINE SULFHYDRYLASE'
2 water water
#
_entity_poly.entity_id   1
_entity_poly.type   'polypeptide(L)'
_entity_poly.pdbx_seq_one_letter_code
;MGSDKIHHHHHHSSGENLYFQGHMRGFTTRALHVPKAKRDVHGALRTPVYDNAAFEFENSDEIAQVSLGRALGHVYSRSS
NPTVEDLEQRLKNLTGALGVLALGSGMAAISTAILTLARAGDSVVTTDRLFGHTLSLFQKTLPSFGIEVRFVDVMDSLAV
EHACDETTKLLFLETISNPQLQVADLEALSKVVHAKGIPLVVDTTMTPPYLLEAKRLGVDIEVLSSTKFISGGGTSVGGV
LIDHGLFEWKSLPSLAPYYAKAGPMAFLYKARKEVFQNLGPSLSPHNAYLQSLGLETMALRIERSCQNAQELAHWLLSIP
QVKCVNHPSLPDSPFYAIAKRQFRYAGSILTFELESKEASYRFMDALKLIRRATNIHDNKSLILSPYHVIYALNSHEERL
KLEISPAMMRLSVGIEEIEDLKEDILQALC
;
_entity_poly.pdbx_strand_id   A,B
#
# COMPACT_ATOMS: atom_id res chain seq x y z
N ARG A 25 24.20 22.60 10.31
CA ARG A 25 24.17 22.04 8.91
C ARG A 25 22.81 22.37 8.27
N GLY A 26 22.85 22.90 7.07
CA GLY A 26 21.63 23.30 6.37
C GLY A 26 20.82 22.17 5.78
N PHE A 27 19.56 22.46 5.55
CA PHE A 27 18.63 21.48 5.00
C PHE A 27 19.09 20.98 3.63
N THR A 28 19.51 21.91 2.76
CA THR A 28 19.82 21.47 1.41
C THR A 28 21.03 20.58 1.44
N THR A 29 22.05 21.02 2.17
CA THR A 29 23.22 20.12 2.31
C THR A 29 22.91 18.75 2.98
N ARG A 30 21.94 18.69 3.91
CA ARG A 30 21.52 17.35 4.45
C ARG A 30 20.74 16.48 3.45
N ALA A 31 20.00 17.08 2.51
CA ALA A 31 19.33 16.30 1.48
C ALA A 31 20.33 15.72 0.48
N LEU A 32 21.54 16.28 0.45
CA LEU A 32 22.54 15.94 -0.59
C LEU A 32 23.62 15.02 -0.10
N HIS A 33 23.95 15.12 1.18
CA HIS A 33 25.08 14.43 1.75
C HIS A 33 24.58 13.66 2.96
N VAL A 34 24.16 12.41 2.69
CA VAL A 34 23.73 11.54 3.78
C VAL A 34 24.96 10.87 4.41
N PRO A 35 25.17 11.13 5.70
CA PRO A 35 26.26 10.53 6.52
C PRO A 35 26.20 8.99 6.68
N SER A 80 18.89 -5.56 -1.99
CA SER A 80 17.59 -5.38 -1.39
C SER A 80 16.87 -4.25 -2.12
N ASN A 81 16.66 -3.11 -1.45
CA ASN A 81 16.01 -1.99 -2.10
C ASN A 81 16.77 -0.70 -1.86
N PRO A 82 17.92 -0.55 -2.58
CA PRO A 82 18.85 0.57 -2.39
C PRO A 82 18.30 1.98 -2.68
N THR A 83 17.48 2.14 -3.72
CA THR A 83 16.82 3.44 -3.94
C THR A 83 15.87 3.85 -2.77
N VAL A 84 15.01 2.93 -2.31
CA VAL A 84 14.10 3.23 -1.20
C VAL A 84 14.92 3.52 0.08
N GLU A 85 15.95 2.70 0.36
CA GLU A 85 16.78 2.88 1.57
C GLU A 85 17.45 4.25 1.55
N ASP A 86 17.99 4.61 0.39
CA ASP A 86 18.71 5.88 0.24
C ASP A 86 17.79 7.08 0.52
N LEU A 87 16.55 6.99 0.05
CA LEU A 87 15.49 7.96 0.35
C LEU A 87 15.21 8.04 1.90
N GLU A 88 15.02 6.89 2.49
CA GLU A 88 14.80 6.80 3.94
C GLU A 88 15.98 7.46 4.71
N GLN A 89 17.23 7.16 4.33
CA GLN A 89 18.44 7.79 4.95
C GLN A 89 18.52 9.29 4.76
N ARG A 90 18.19 9.79 3.57
CA ARG A 90 18.02 11.23 3.38
C ARG A 90 17.02 11.85 4.34
N LEU A 91 15.84 11.26 4.41
CA LEU A 91 14.77 11.78 5.22
C LEU A 91 15.15 11.79 6.70
N LYS A 92 15.79 10.71 7.17
CA LYS A 92 16.33 10.66 8.53
C LYS A 92 17.41 11.74 8.78
N ASN A 93 18.32 11.92 7.80
CA ASN A 93 19.32 12.94 7.90
C ASN A 93 18.63 14.32 7.94
N LEU A 94 17.57 14.50 7.16
CA LEU A 94 16.82 15.76 7.16
C LEU A 94 16.06 16.03 8.46
N THR A 95 15.66 15.00 9.19
CA THR A 95 14.84 15.23 10.38
C THR A 95 15.57 14.97 11.67
N GLY A 96 16.77 14.39 11.62
CA GLY A 96 17.38 13.88 12.87
C GLY A 96 16.59 12.74 13.59
N ALA A 97 15.75 12.00 12.87
CA ALA A 97 14.84 11.02 13.49
C ALA A 97 15.53 9.72 13.96
N LEU A 98 14.85 8.94 14.78
CA LEU A 98 15.34 7.63 15.12
C LEU A 98 15.37 6.75 13.88
N GLY A 99 14.37 6.91 13.00
CA GLY A 99 14.33 6.11 11.81
C GLY A 99 13.11 6.46 10.97
N VAL A 100 13.11 6.00 9.71
CA VAL A 100 12.08 6.41 8.74
C VAL A 100 11.67 5.22 7.88
N LEU A 101 10.40 5.17 7.48
CA LEU A 101 9.87 4.18 6.56
C LEU A 101 9.20 4.92 5.39
N ALA A 102 9.58 4.58 4.15
CA ALA A 102 8.97 5.16 2.99
C ALA A 102 7.94 4.18 2.52
N LEU A 103 6.76 4.68 2.14
CA LEU A 103 5.68 3.80 1.76
C LEU A 103 5.04 4.26 0.46
N GLY A 104 4.13 3.42 -0.06
CA GLY A 104 3.44 3.62 -1.33
C GLY A 104 2.54 4.83 -1.48
N SER A 105 2.08 5.39 -0.36
CA SER A 105 1.28 6.59 -0.36
C SER A 105 1.17 7.19 1.04
N GLY A 106 0.57 8.38 1.09
CA GLY A 106 0.33 9.13 2.32
C GLY A 106 -0.68 8.36 3.18
N MET A 107 -1.69 7.77 2.54
CA MET A 107 -2.73 7.06 3.27
C MET A 107 -2.09 5.84 3.85
N ALA A 108 -1.15 5.26 3.10
CA ALA A 108 -0.45 4.11 3.62
C ALA A 108 0.42 4.47 4.86
N ALA A 109 1.00 5.68 4.92
CA ALA A 109 1.79 6.13 6.06
C ALA A 109 0.87 6.32 7.23
N ILE A 110 -0.25 6.99 6.97
CA ILE A 110 -1.20 7.24 8.08
C ILE A 110 -1.73 5.91 8.71
N SER A 111 -2.23 5.06 7.85
CA SER A 111 -2.83 3.81 8.33
C SER A 111 -1.75 2.91 8.93
N THR A 112 -0.54 2.94 8.41
CA THR A 112 0.51 2.11 9.00
C THR A 112 0.86 2.57 10.41
N ALA A 113 0.88 3.89 10.65
CA ALA A 113 1.23 4.43 11.97
C ALA A 113 0.16 4.04 12.97
N ILE A 114 -1.11 4.24 12.60
CA ILE A 114 -2.27 3.90 13.44
C ILE A 114 -2.36 2.42 13.82
N LEU A 115 -2.13 1.55 12.82
CA LEU A 115 -2.35 0.10 12.95
C LEU A 115 -1.17 -0.53 13.65
N THR A 116 -0.05 0.20 13.68
CA THR A 116 1.09 -0.17 14.58
C THR A 116 0.70 -0.05 16.05
N LEU A 117 -0.08 0.97 16.41
CA LEU A 117 -0.52 1.22 17.82
C LEU A 117 -1.92 0.68 18.26
N ALA A 118 -2.88 0.67 17.34
CA ALA A 118 -4.29 0.38 17.67
C ALA A 118 -4.74 -0.96 17.08
N ARG A 119 -5.55 -1.70 17.83
CA ARG A 119 -6.08 -3.03 17.47
C ARG A 119 -7.48 -3.07 18.00
N ALA A 120 -8.20 -4.14 17.68
CA ALA A 120 -9.62 -4.32 18.03
C ALA A 120 -9.79 -4.17 19.53
N GLY A 121 -10.81 -3.41 19.94
CA GLY A 121 -11.04 -3.12 21.37
C GLY A 121 -10.41 -1.80 21.81
N ASP A 122 -9.52 -1.22 21.00
CA ASP A 122 -8.94 0.09 21.39
C ASP A 122 -9.74 1.24 20.85
N SER A 123 -9.44 2.44 21.32
CA SER A 123 -9.95 3.63 20.66
C SER A 123 -8.80 4.48 20.16
N VAL A 124 -9.14 5.47 19.32
CA VAL A 124 -8.25 6.53 18.92
C VAL A 124 -8.99 7.82 18.87
N VAL A 125 -8.26 8.90 19.14
CA VAL A 125 -8.84 10.22 19.01
C VAL A 125 -8.28 10.96 17.76
N THR A 126 -9.15 11.67 17.05
CA THR A 126 -8.69 12.50 15.94
C THR A 126 -9.52 13.81 15.75
N THR A 127 -9.02 14.72 14.93
CA THR A 127 -9.71 15.96 14.59
C THR A 127 -11.04 15.67 13.87
N ASP A 128 -12.02 16.50 14.15
CA ASP A 128 -13.25 16.45 13.43
C ASP A 128 -13.11 17.26 12.10
N ARG A 129 -11.90 17.69 11.72
CA ARG A 129 -11.69 18.45 10.46
C ARG A 129 -11.30 17.60 9.25
N LEU A 130 -11.36 16.29 9.34
CA LEU A 130 -10.96 15.46 8.23
C LEU A 130 -12.05 15.44 7.13
N PHE A 131 -11.65 15.29 5.88
CA PHE A 131 -12.58 14.89 4.81
C PHE A 131 -11.93 13.88 3.85
N GLY A 132 -12.68 13.51 2.81
CA GLY A 132 -12.19 12.61 1.76
C GLY A 132 -11.59 11.30 2.27
N HIS A 133 -10.36 10.96 1.82
CA HIS A 133 -9.81 9.62 2.15
C HIS A 133 -9.46 9.46 3.63
N THR A 134 -8.77 10.45 4.18
CA THR A 134 -8.44 10.41 5.60
C THR A 134 -9.71 10.20 6.46
N LEU A 135 -10.80 10.92 6.14
CA LEU A 135 -12.05 10.78 6.86
C LEU A 135 -12.60 9.36 6.71
N SER A 136 -12.56 8.85 5.50
CA SER A 136 -13.15 7.55 5.24
C SER A 136 -12.36 6.45 5.99
N LEU A 137 -11.05 6.59 6.07
CA LEU A 137 -10.27 5.66 6.90
C LEU A 137 -10.81 5.58 8.36
N PHE A 138 -11.17 6.74 8.92
CA PHE A 138 -11.58 6.80 10.32
C PHE A 138 -13.07 6.44 10.49
N GLN A 139 -13.89 6.68 9.47
CA GLN A 139 -15.34 6.47 9.57
C GLN A 139 -15.70 5.01 9.25
N LYS A 140 -15.01 4.41 8.27
CA LYS A 140 -15.32 3.09 7.72
C LYS A 140 -14.31 2.00 7.97
N THR A 141 -13.04 2.28 7.74
CA THR A 141 -12.04 1.19 7.84
C THR A 141 -11.71 0.85 9.29
N LEU A 142 -11.38 1.85 10.09
CA LEU A 142 -10.89 1.59 11.42
C LEU A 142 -11.96 0.92 12.30
N PRO A 143 -13.22 1.43 12.28
CA PRO A 143 -14.28 0.73 13.00
C PRO A 143 -14.45 -0.73 12.51
N SER A 144 -14.11 -1.06 11.25
CA SER A 144 -14.17 -2.45 10.77
C SER A 144 -13.01 -3.32 11.36
N PHE A 145 -12.02 -2.70 11.94
CA PHE A 145 -10.97 -3.50 12.58
C PHE A 145 -11.17 -3.54 14.06
N GLY A 146 -12.35 -3.09 14.54
CA GLY A 146 -12.69 -3.14 15.97
C GLY A 146 -12.14 -1.90 16.73
N ILE A 147 -11.67 -0.88 16.00
CA ILE A 147 -11.17 0.36 16.62
C ILE A 147 -12.24 1.46 16.73
N GLU A 148 -12.57 1.86 17.97
CA GLU A 148 -13.46 2.99 18.18
C GLU A 148 -12.74 4.32 17.80
N VAL A 149 -13.41 5.15 16.99
CA VAL A 149 -12.87 6.47 16.64
C VAL A 149 -13.62 7.57 17.33
N ARG A 150 -12.90 8.40 18.08
CA ARG A 150 -13.50 9.55 18.75
C ARG A 150 -13.09 10.83 18.05
N PHE A 151 -14.07 11.49 17.42
CA PHE A 151 -13.84 12.78 16.73
C PHE A 151 -14.01 13.92 17.75
N VAL A 152 -13.08 14.88 17.77
CA VAL A 152 -13.12 16.01 18.70
C VAL A 152 -12.61 17.29 18.02
N ASP A 153 -12.93 18.42 18.68
CA ASP A 153 -12.37 19.72 18.28
C ASP A 153 -11.00 19.87 18.91
N VAL A 154 -9.99 19.87 18.06
CA VAL A 154 -8.62 19.70 18.48
C VAL A 154 -8.06 21.09 18.88
N MET A 155 -8.88 22.13 18.64
CA MET A 155 -8.64 23.51 19.04
C MET A 155 -8.91 23.65 20.54
N ASP A 156 -9.62 22.64 21.06
CA ASP A 156 -10.04 22.56 22.46
C ASP A 156 -9.26 21.48 23.30
N SER A 157 -8.17 21.86 23.95
CA SER A 157 -7.38 20.87 24.71
C SER A 157 -8.21 20.02 25.76
N LEU A 158 -9.22 20.64 26.37
CA LEU A 158 -10.12 19.97 27.31
C LEU A 158 -11.05 18.90 26.65
N ALA A 159 -11.56 19.17 25.45
CA ALA A 159 -12.29 18.14 24.74
C ALA A 159 -11.31 16.95 24.42
N VAL A 160 -10.12 17.26 23.96
CA VAL A 160 -9.11 16.22 23.69
C VAL A 160 -8.88 15.36 24.95
N GLU A 161 -8.59 15.99 26.10
CA GLU A 161 -8.34 15.30 27.36
C GLU A 161 -9.48 14.35 27.77
N HIS A 162 -10.72 14.83 27.66
CA HIS A 162 -11.91 14.03 28.00
C HIS A 162 -12.21 12.90 27.03
N ALA A 163 -11.75 12.98 25.79
CA ALA A 163 -12.00 11.90 24.80
C ALA A 163 -11.07 10.73 25.00
N CYS A 164 -10.00 10.94 25.77
CA CYS A 164 -8.93 9.96 25.94
C CYS A 164 -9.19 9.20 27.21
N ASP A 165 -9.13 7.88 27.15
CA ASP A 165 -9.14 7.07 28.39
C ASP A 165 -8.13 5.94 28.20
N GLU A 166 -8.16 4.93 29.03
CA GLU A 166 -7.11 3.89 28.97
C GLU A 166 -7.17 3.07 27.64
N THR A 167 -8.32 3.03 26.97
CA THR A 167 -8.43 2.34 25.64
C THR A 167 -7.79 3.13 24.49
N THR A 168 -7.46 4.40 24.73
CA THR A 168 -6.99 5.34 23.68
C THR A 168 -5.54 5.17 23.35
N LYS A 169 -5.22 4.77 22.10
CA LYS A 169 -3.82 4.43 21.81
C LYS A 169 -3.08 5.49 21.01
N LEU A 170 -3.76 6.58 20.65
CA LEU A 170 -3.10 7.71 19.97
C LEU A 170 -4.06 8.84 19.67
N LEU A 171 -3.50 10.01 19.43
CA LEU A 171 -4.22 11.22 18.98
C LEU A 171 -3.59 11.46 17.61
N PHE A 172 -4.44 11.65 16.59
CA PHE A 172 -4.01 11.96 15.25
C PHE A 172 -4.55 13.32 14.81
N LEU A 173 -3.68 14.15 14.25
CA LEU A 173 -4.18 15.40 13.66
C LEU A 173 -3.23 15.91 12.60
N GLU A 174 -3.62 17.02 11.99
CA GLU A 174 -2.87 17.67 10.93
C GLU A 174 -2.42 19.00 11.45
N THR A 175 -1.31 19.41 10.86
CA THR A 175 -0.56 20.57 11.26
C THR A 175 -1.34 21.82 10.87
N ILE A 176 -2.01 21.80 9.74
CA ILE A 176 -2.86 22.93 9.29
C ILE A 176 -4.06 22.36 8.59
N SER A 177 -5.25 22.73 9.00
CA SER A 177 -6.45 22.10 8.44
C SER A 177 -6.73 22.73 7.11
N ASN A 178 -7.48 21.98 6.31
CA ASN A 178 -7.78 22.32 4.94
C ASN A 178 -9.32 22.23 4.77
N PRO A 179 -9.99 23.34 4.38
CA PRO A 179 -9.45 24.59 3.85
C PRO A 179 -9.37 25.73 4.81
N GLN A 180 -9.73 25.50 6.07
CA GLN A 180 -9.85 26.61 7.00
C GLN A 180 -8.57 27.09 7.55
N LEU A 181 -7.48 26.32 7.40
CA LEU A 181 -6.14 26.71 7.89
C LEU A 181 -6.08 26.94 9.38
N GLN A 182 -6.79 26.08 10.11
CA GLN A 182 -6.76 26.12 11.56
C GLN A 182 -5.45 25.46 12.00
N VAL A 183 -4.84 25.93 13.09
CA VAL A 183 -3.51 25.42 13.50
C VAL A 183 -3.61 25.00 14.96
N ALA A 184 -3.66 23.71 15.19
CA ALA A 184 -3.82 23.24 16.56
C ALA A 184 -2.50 23.47 17.30
N ASP A 185 -2.57 23.61 18.62
CA ASP A 185 -1.34 23.78 19.42
C ASP A 185 -0.77 22.41 19.72
N LEU A 186 0.18 21.98 18.89
CA LEU A 186 0.78 20.63 19.02
C LEU A 186 1.43 20.37 20.37
N GLU A 187 2.26 21.29 20.82
CA GLU A 187 2.96 21.07 22.09
C GLU A 187 1.93 20.91 23.23
N ALA A 188 0.88 21.75 23.23
CA ALA A 188 -0.12 21.66 24.29
C ALA A 188 -0.80 20.28 24.22
N LEU A 189 -1.19 19.88 23.00
CA LEU A 189 -1.86 18.62 22.85
C LEU A 189 -0.92 17.45 23.15
N SER A 190 0.39 17.60 22.88
CA SER A 190 1.31 16.50 23.18
C SER A 190 1.32 16.25 24.66
N LYS A 191 1.27 17.32 25.45
CA LYS A 191 1.31 17.23 26.93
C LYS A 191 0.02 16.56 27.50
N VAL A 192 -1.13 16.93 26.94
CA VAL A 192 -2.40 16.35 27.36
C VAL A 192 -2.39 14.81 27.17
N VAL A 193 -1.92 14.40 26.00
CA VAL A 193 -1.87 13.01 25.68
C VAL A 193 -0.66 12.29 26.36
N HIS A 194 0.52 12.90 26.37
CA HIS A 194 1.65 12.27 27.11
C HIS A 194 1.41 11.97 28.59
N ALA A 195 0.70 12.88 29.27
CA ALA A 195 0.28 12.65 30.65
C ALA A 195 -0.55 11.33 30.85
N LYS A 196 -1.14 10.78 29.80
CA LYS A 196 -2.04 9.62 29.93
C LYS A 196 -1.29 8.46 29.35
N GLY A 197 -0.02 8.68 28.99
CA GLY A 197 0.79 7.69 28.27
C GLY A 197 0.23 7.33 26.88
N ILE A 198 -0.18 8.35 26.12
CA ILE A 198 -0.72 8.18 24.75
C ILE A 198 0.21 8.93 23.75
N PRO A 199 0.61 8.27 22.67
CA PRO A 199 1.47 8.93 21.71
C PRO A 199 0.66 9.88 20.77
N LEU A 200 1.39 10.80 20.17
CA LEU A 200 0.86 11.80 19.26
C LEU A 200 1.42 11.52 17.84
N VAL A 201 0.49 11.36 16.90
CA VAL A 201 0.73 11.11 15.49
C VAL A 201 0.19 12.31 14.65
N VAL A 202 1.07 12.91 13.83
CA VAL A 202 0.71 14.10 13.12
C VAL A 202 1.04 14.02 11.63
N ASP A 203 0.07 14.37 10.81
CA ASP A 203 0.24 14.53 9.40
C ASP A 203 0.80 15.91 9.09
N THR A 204 2.05 15.95 8.61
CA THR A 204 2.75 17.24 8.47
C THR A 204 2.87 17.60 6.99
N THR A 205 2.00 17.00 6.17
CA THR A 205 1.94 17.40 4.76
C THR A 205 1.94 18.93 4.48
N MET A 206 1.11 19.70 5.18
CA MET A 206 1.08 21.17 5.02
C MET A 206 2.35 21.87 5.43
N THR A 207 3.09 21.26 6.36
CA THR A 207 4.32 21.87 6.91
C THR A 207 5.38 20.77 7.07
N PRO A 208 6.01 20.35 5.94
CA PRO A 208 6.96 19.24 6.02
C PRO A 208 8.26 19.66 6.72
N PRO A 209 9.22 18.72 6.86
CA PRO A 209 10.41 19.03 7.69
C PRO A 209 11.12 20.39 7.57
N TYR A 210 11.30 20.94 6.38
CA TYR A 210 12.04 22.26 6.36
C TYR A 210 11.25 23.38 7.14
N LEU A 211 9.95 23.27 7.15
CA LEU A 211 9.07 24.23 7.83
C LEU A 211 8.85 23.97 9.34
N LEU A 212 9.05 22.72 9.77
CA LEU A 212 8.62 22.30 11.10
C LEU A 212 9.69 21.32 11.64
N GLU A 213 10.07 21.46 12.90
CA GLU A 213 10.85 20.40 13.58
C GLU A 213 9.93 19.78 14.64
N ALA A 214 9.16 18.76 14.22
CA ALA A 214 8.04 18.26 14.98
C ALA A 214 8.50 17.69 16.33
N LYS A 215 9.75 17.16 16.37
CA LYS A 215 10.24 16.57 17.63
C LYS A 215 10.16 17.62 18.83
N ARG A 216 10.59 18.84 18.58
CA ARG A 216 10.54 19.95 19.52
C ARG A 216 9.17 20.28 20.03
N LEU A 217 8.13 19.87 19.31
CA LEU A 217 6.79 20.16 19.79
C LEU A 217 6.09 18.91 20.38
N GLY A 218 6.88 17.90 20.69
CA GLY A 218 6.29 16.69 21.31
C GLY A 218 5.68 15.68 20.34
N VAL A 219 6.00 15.75 19.04
CA VAL A 219 5.32 14.83 18.10
C VAL A 219 6.10 13.50 18.06
N ASP A 220 5.49 12.43 18.58
CA ASP A 220 6.09 11.09 18.53
C ASP A 220 6.29 10.51 17.12
N ILE A 221 5.20 10.55 16.34
CA ILE A 221 5.19 10.00 14.97
C ILE A 221 4.74 11.07 13.98
N GLU A 222 5.59 11.36 13.02
CA GLU A 222 5.26 12.27 11.93
C GLU A 222 4.97 11.45 10.67
N VAL A 223 3.83 11.72 10.09
CA VAL A 223 3.49 11.08 8.84
C VAL A 223 3.26 12.19 7.76
N LEU A 224 3.53 11.91 6.49
CA LEU A 224 3.24 12.86 5.38
C LEU A 224 3.13 12.18 4.02
N SER A 225 2.45 12.86 3.11
CA SER A 225 2.45 12.49 1.68
C SER A 225 3.67 13.06 1.02
N SER A 226 4.33 12.27 0.18
CA SER A 226 5.54 12.74 -0.47
C SER A 226 5.19 13.61 -1.66
N THR A 227 6.18 14.42 -2.06
CA THR A 227 6.18 15.16 -3.37
C THR A 227 5.66 14.27 -4.49
N LYS A 228 4.58 14.70 -5.12
CA LYS A 228 3.99 13.96 -6.23
C LYS A 228 4.69 14.30 -7.59
N PHE A 229 4.67 13.36 -8.54
CA PHE A 229 5.25 13.60 -9.89
C PHE A 229 4.26 13.09 -10.92
N ILE A 230 3.81 14.02 -11.74
CA ILE A 230 2.74 13.79 -12.70
C ILE A 230 3.42 13.51 -14.05
N SER A 231 2.98 12.42 -14.72
CA SER A 231 3.45 12.08 -16.08
C SER A 231 2.25 11.78 -16.98
N GLY A 232 2.51 11.51 -18.27
CA GLY A 232 1.43 11.04 -19.15
C GLY A 232 0.70 9.84 -18.56
N GLY A 233 1.46 8.89 -18.01
CA GLY A 233 0.99 7.60 -17.56
C GLY A 233 0.21 7.57 -16.24
N GLY A 234 0.15 8.72 -15.55
CA GLY A 234 -0.58 8.83 -14.28
C GLY A 234 0.30 9.54 -13.25
N THR A 235 -0.17 9.67 -12.00
CA THR A 235 0.59 10.37 -10.93
C THR A 235 1.36 9.37 -10.05
N SER A 236 2.67 9.62 -9.87
CA SER A 236 3.49 8.87 -8.89
C SER A 236 3.44 9.54 -7.49
N VAL A 237 2.99 8.76 -6.52
CA VAL A 237 2.71 9.19 -5.15
C VAL A 237 3.67 8.46 -4.14
N GLY A 238 3.69 8.92 -2.89
CA GLY A 238 4.33 8.19 -1.81
C GLY A 238 3.95 8.70 -0.47
N GLY A 239 4.37 7.97 0.55
CA GLY A 239 4.13 8.32 1.91
C GLY A 239 5.41 8.19 2.69
N VAL A 240 5.45 8.91 3.81
CA VAL A 240 6.58 8.84 4.70
C VAL A 240 6.06 8.71 6.16
N LEU A 241 6.67 7.81 6.93
CA LEU A 241 6.41 7.62 8.36
C LEU A 241 7.70 7.83 9.16
N ILE A 242 7.70 8.73 10.12
CA ILE A 242 8.96 9.13 10.87
C ILE A 242 8.81 8.89 12.39
N ASP A 243 9.74 8.13 13.00
CA ASP A 243 9.71 8.00 14.45
C ASP A 243 10.71 9.02 14.96
N HIS A 244 10.25 9.98 15.75
CA HIS A 244 11.17 11.01 16.21
C HIS A 244 12.06 10.62 17.39
N GLY A 245 11.95 9.39 17.88
CA GLY A 245 12.79 8.98 19.03
C GLY A 245 12.39 9.67 20.33
N LEU A 246 11.10 9.94 20.48
CA LEU A 246 10.62 10.61 21.69
C LEU A 246 9.89 9.65 22.65
N PHE A 247 8.87 8.93 22.16
CA PHE A 247 8.08 8.11 23.00
C PHE A 247 8.89 6.85 23.51
N GLU A 248 8.71 6.49 24.79
CA GLU A 248 9.24 5.23 25.32
C GLU A 248 8.30 4.09 24.88
N TRP A 249 8.57 3.46 23.74
CA TRP A 249 7.72 2.38 23.24
C TRP A 249 7.50 1.18 24.17
N LYS A 250 8.49 0.89 25.03
CA LYS A 250 8.43 -0.31 25.86
C LYS A 250 7.33 -0.17 26.93
N SER A 251 6.84 1.04 27.15
CA SER A 251 5.81 1.26 28.11
C SER A 251 4.44 0.90 27.56
N LEU A 252 4.33 0.63 26.25
CA LEU A 252 3.05 0.18 25.68
C LEU A 252 3.01 -1.35 25.52
N PRO A 253 1.96 -1.99 26.04
CA PRO A 253 1.75 -3.44 25.81
C PRO A 253 1.73 -3.86 24.33
N SER A 254 1.17 -3.04 23.42
CA SER A 254 1.34 -3.23 21.95
C SER A 254 2.81 -3.46 21.46
N LEU A 255 3.77 -2.76 22.05
CA LEU A 255 5.12 -2.72 21.46
C LEU A 255 6.23 -3.37 22.32
N ALA A 256 5.91 -3.65 23.58
CA ALA A 256 6.79 -4.36 24.48
C ALA A 256 7.36 -5.68 23.95
N PRO A 257 6.54 -6.53 23.26
CA PRO A 257 7.12 -7.75 22.63
C PRO A 257 8.16 -7.38 21.55
N TYR A 258 8.02 -6.22 20.93
CA TYR A 258 8.97 -5.86 19.87
C TYR A 258 10.18 -5.18 20.48
N TYR A 259 10.03 -4.74 21.72
CA TYR A 259 11.15 -4.10 22.38
C TYR A 259 12.19 -5.14 22.74
N ALA A 260 11.71 -6.33 23.13
CA ALA A 260 12.58 -7.49 23.35
C ALA A 260 13.50 -7.77 22.19
N LYS A 261 12.97 -7.63 20.97
CA LYS A 261 13.71 -7.96 19.74
C LYS A 261 14.53 -6.76 19.22
N ALA A 262 13.97 -5.54 19.34
CA ALA A 262 14.47 -4.45 18.59
C ALA A 262 14.90 -3.25 19.46
N GLY A 263 14.70 -3.33 20.76
CA GLY A 263 14.94 -2.19 21.64
C GLY A 263 14.20 -0.89 21.23
N PRO A 264 14.93 0.22 21.16
CA PRO A 264 14.35 1.54 20.82
C PRO A 264 13.74 1.57 19.43
N MET A 265 14.10 0.56 18.62
CA MET A 265 13.49 0.40 17.28
C MET A 265 12.15 -0.36 17.30
N ALA A 266 11.52 -0.56 18.49
CA ALA A 266 10.28 -1.39 18.55
C ALA A 266 9.16 -0.91 17.61
N PHE A 267 8.90 0.40 17.60
CA PHE A 267 7.82 0.93 16.73
C PHE A 267 8.14 0.65 15.27
N LEU A 268 9.36 1.08 14.85
CA LEU A 268 9.81 0.94 13.48
C LEU A 268 9.84 -0.52 13.06
N TYR A 269 10.15 -1.39 14.00
CA TYR A 269 10.25 -2.81 13.72
C TYR A 269 8.84 -3.42 13.35
N LYS A 270 7.87 -3.23 14.20
CA LYS A 270 6.48 -3.67 13.93
C LYS A 270 5.96 -3.01 12.62
N ALA A 271 6.08 -1.69 12.53
CA ALA A 271 5.62 -0.93 11.39
C ALA A 271 6.18 -1.53 10.12
N ARG A 272 7.49 -1.70 10.06
CA ARG A 272 8.16 -2.22 8.88
C ARG A 272 8.03 -3.74 8.63
N LYS A 273 8.42 -4.55 9.61
CA LYS A 273 8.45 -6.00 9.44
C LYS A 273 7.07 -6.65 9.59
N GLU A 274 6.09 -5.91 10.08
CA GLU A 274 4.79 -6.55 10.24
C GLU A 274 3.68 -5.83 9.48
N VAL A 275 3.32 -4.65 9.91
CA VAL A 275 2.15 -3.93 9.37
C VAL A 275 2.39 -3.64 7.88
N PHE A 276 3.52 -3.00 7.55
CA PHE A 276 3.87 -2.70 6.18
C PHE A 276 4.03 -3.95 5.28
N GLN A 277 4.77 -4.92 5.81
CA GLN A 277 5.03 -6.20 5.13
C GLN A 277 3.72 -6.94 4.83
N ASN A 278 2.78 -6.93 5.77
CA ASN A 278 1.64 -7.79 5.60
C ASN A 278 0.51 -7.14 4.77
N LEU A 279 0.36 -5.83 4.87
CA LEU A 279 -0.68 -5.07 4.10
C LEU A 279 -0.10 -4.65 2.74
N GLY A 280 1.23 -4.64 2.65
CA GLY A 280 1.98 -4.47 1.41
C GLY A 280 1.90 -3.21 0.56
N PRO A 281 1.82 -2.00 1.18
CA PRO A 281 1.84 -0.75 0.38
C PRO A 281 3.25 -0.43 -0.10
N SER A 282 3.83 -1.31 -0.96
CA SER A 282 5.24 -1.13 -1.42
C SER A 282 5.46 0.19 -2.19
N LEU A 283 6.62 0.81 -1.94
CA LEU A 283 7.06 1.99 -2.67
C LEU A 283 7.98 1.54 -3.81
N SER A 284 7.59 1.87 -5.04
CA SER A 284 8.39 1.63 -6.23
C SER A 284 9.81 2.28 -6.16
N PRO A 285 10.84 1.56 -6.55
CA PRO A 285 12.12 2.30 -6.63
C PRO A 285 12.13 3.47 -7.63
N HIS A 286 11.30 3.39 -8.64
CA HIS A 286 11.21 4.51 -9.59
C HIS A 286 10.60 5.75 -8.93
N ASN A 287 9.54 5.57 -8.13
CA ASN A 287 8.98 6.68 -7.34
C ASN A 287 10.01 7.19 -6.34
N ALA A 288 10.65 6.26 -5.62
CA ALA A 288 11.65 6.61 -4.62
C ALA A 288 12.76 7.47 -5.22
N TYR A 289 13.20 7.14 -6.42
CA TYR A 289 14.26 7.90 -7.07
C TYR A 289 13.85 9.36 -7.31
N LEU A 290 12.66 9.54 -7.91
CA LEU A 290 12.07 10.87 -8.16
C LEU A 290 11.92 11.68 -6.88
N GLN A 291 11.39 11.04 -5.84
CA GLN A 291 11.24 11.68 -4.51
C GLN A 291 12.60 12.11 -3.97
N SER A 292 13.62 11.24 -4.03
CA SER A 292 14.98 11.69 -3.61
C SER A 292 15.46 12.92 -4.37
N LEU A 293 15.25 12.90 -5.69
CA LEU A 293 15.56 14.02 -6.52
C LEU A 293 14.78 15.26 -6.06
N GLY A 294 13.53 15.10 -5.68
CA GLY A 294 12.75 16.23 -5.17
C GLY A 294 13.29 16.79 -3.87
N LEU A 295 13.74 15.90 -2.97
CA LEU A 295 14.30 16.32 -1.72
C LEU A 295 15.48 17.27 -1.89
N GLU A 296 16.23 17.11 -2.95
CA GLU A 296 17.32 18.03 -3.26
C GLU A 296 16.95 19.51 -3.40
N THR A 297 15.77 19.80 -3.97
CA THR A 297 15.34 21.15 -4.20
C THR A 297 14.13 21.51 -3.33
N MET A 298 13.73 20.61 -2.45
CA MET A 298 12.67 20.95 -1.45
C MET A 298 12.89 22.29 -0.72
N ALA A 299 14.07 22.52 -0.12
CA ALA A 299 14.21 23.77 0.68
C ALA A 299 14.04 24.97 -0.23
N LEU A 300 14.70 24.91 -1.37
CA LEU A 300 14.66 25.99 -2.35
C LEU A 300 13.20 26.24 -2.82
N ARG A 301 12.48 25.17 -3.12
CA ARG A 301 11.12 25.32 -3.62
C ARG A 301 10.14 25.81 -2.55
N ILE A 302 10.27 25.23 -1.35
CA ILE A 302 9.47 25.69 -0.19
C ILE A 302 9.71 27.16 0.24
N GLU A 303 10.99 27.58 0.33
CA GLU A 303 11.34 29.02 0.53
C GLU A 303 10.58 29.91 -0.47
N ARG A 304 10.67 29.58 -1.73
CA ARG A 304 10.04 30.38 -2.79
C ARG A 304 8.49 30.41 -2.64
N SER A 305 7.92 29.22 -2.70
CA SER A 305 6.53 28.94 -2.45
C SER A 305 5.98 29.70 -1.21
N CYS A 306 6.69 29.61 -0.11
CA CYS A 306 6.16 30.05 1.18
C CYS A 306 6.34 31.55 1.31
N GLN A 307 7.46 32.08 0.82
CA GLN A 307 7.59 33.56 0.72
C GLN A 307 6.55 34.15 -0.23
N ASN A 308 6.23 33.44 -1.31
CA ASN A 308 5.20 33.96 -2.22
C ASN A 308 3.88 34.01 -1.51
N ALA A 309 3.56 32.97 -0.74
CA ALA A 309 2.24 32.89 -0.03
C ALA A 309 2.08 33.97 1.07
N GLN A 310 3.13 34.14 1.84
CA GLN A 310 3.26 35.19 2.84
C GLN A 310 3.12 36.63 2.24
N GLU A 311 3.84 36.88 1.14
CA GLU A 311 3.73 38.16 0.49
C GLU A 311 2.33 38.38 -0.18
N LEU A 312 1.84 37.37 -0.92
CA LEU A 312 0.47 37.42 -1.41
C LEU A 312 -0.57 37.70 -0.33
N ALA A 313 -0.49 37.02 0.81
CA ALA A 313 -1.51 37.25 1.84
C ALA A 313 -1.50 38.75 2.28
N HIS A 314 -0.30 39.24 2.52
CA HIS A 314 -0.11 40.61 2.89
C HIS A 314 -0.62 41.57 1.82
N TRP A 315 -0.23 41.35 0.58
CA TRP A 315 -0.62 42.21 -0.52
C TRP A 315 -2.15 42.17 -0.83
N LEU A 316 -2.73 40.98 -0.72
CA LEU A 316 -4.16 40.79 -0.87
C LEU A 316 -4.93 41.75 0.04
N LEU A 317 -4.36 42.07 1.19
CA LEU A 317 -5.02 42.99 2.11
C LEU A 317 -5.22 44.38 1.53
N SER A 318 -4.46 44.73 0.48
CA SER A 318 -4.56 46.07 -0.13
C SER A 318 -5.54 46.19 -1.29
N ILE A 319 -6.14 45.06 -1.70
CA ILE A 319 -6.99 45.00 -2.91
C ILE A 319 -8.44 45.26 -2.55
N PRO A 320 -9.03 46.39 -3.01
CA PRO A 320 -10.45 46.72 -2.67
C PRO A 320 -11.42 45.55 -2.83
N GLN A 321 -11.33 44.80 -3.93
CA GLN A 321 -12.31 43.75 -4.18
C GLN A 321 -12.11 42.50 -3.33
N VAL A 322 -10.99 42.42 -2.63
CA VAL A 322 -10.70 41.20 -1.89
C VAL A 322 -11.13 41.33 -0.42
N LYS A 323 -11.69 40.25 0.13
CA LYS A 323 -12.12 40.18 1.54
C LYS A 323 -11.66 38.90 2.22
N CYS A 324 -11.67 38.93 3.54
CA CYS A 324 -11.44 37.73 4.35
C CYS A 324 -10.20 36.93 3.92
N VAL A 325 -9.08 37.62 3.71
CA VAL A 325 -7.85 36.88 3.43
C VAL A 325 -7.39 36.11 4.65
N ASN A 326 -7.19 34.82 4.48
CA ASN A 326 -6.87 33.93 5.59
C ASN A 326 -5.51 33.24 5.37
N HIS A 327 -4.56 33.57 6.24
CA HIS A 327 -3.28 32.88 6.27
C HIS A 327 -2.63 33.12 7.63
N PRO A 328 -2.04 32.09 8.24
CA PRO A 328 -1.61 32.29 9.64
C PRO A 328 -0.42 33.28 9.83
N SER A 329 0.22 33.67 8.74
CA SER A 329 1.24 34.68 8.82
C SER A 329 0.68 36.11 9.01
N LEU A 330 -0.62 36.31 8.81
CA LEU A 330 -1.22 37.64 9.03
C LEU A 330 -1.48 37.91 10.52
N PRO A 331 -1.06 39.08 11.05
CA PRO A 331 -1.26 39.49 12.49
C PRO A 331 -2.68 39.35 13.09
N ASP A 332 -3.71 39.61 12.28
CA ASP A 332 -5.12 39.44 12.65
C ASP A 332 -5.60 37.99 12.61
N SER A 333 -4.76 37.09 12.11
CA SER A 333 -5.09 35.66 12.17
C SER A 333 -5.21 35.20 13.63
N PRO A 334 -6.29 34.47 13.96
CA PRO A 334 -6.38 33.72 15.22
C PRO A 334 -5.20 32.76 15.48
N PHE A 335 -4.54 32.30 14.42
CA PHE A 335 -3.45 31.36 14.57
C PHE A 335 -2.10 32.01 14.31
N TYR A 336 -2.08 33.33 14.27
CA TYR A 336 -0.83 34.07 14.18
C TYR A 336 0.28 33.65 15.20
N ALA A 337 -0.03 33.65 16.50
CA ALA A 337 1.03 33.35 17.50
C ALA A 337 1.51 31.89 17.49
N ILE A 338 0.56 30.98 17.41
CA ILE A 338 0.88 29.55 17.41
C ILE A 338 1.71 29.17 16.12
N ALA A 339 1.33 29.75 14.97
CA ALA A 339 2.05 29.49 13.73
C ALA A 339 3.51 30.00 13.81
N LYS A 340 3.70 31.19 14.41
CA LYS A 340 4.99 31.83 14.54
C LYS A 340 5.89 31.04 15.48
N ARG A 341 5.29 30.48 16.52
CA ARG A 341 5.98 29.57 17.42
C ARG A 341 6.34 28.22 16.77
N GLN A 342 5.47 27.72 15.90
CA GLN A 342 5.67 26.33 15.35
C GLN A 342 6.46 26.22 14.05
N PHE A 343 6.30 27.20 13.14
CA PHE A 343 6.70 27.04 11.74
C PHE A 343 7.70 28.09 11.31
N ARG A 344 8.66 27.70 10.45
CA ARG A 344 9.42 28.66 9.70
C ARG A 344 8.48 29.56 8.88
N TYR A 345 7.51 28.96 8.20
CA TYR A 345 6.44 29.66 7.43
C TYR A 345 5.21 28.84 7.58
N ALA A 346 4.05 29.50 7.58
CA ALA A 346 2.82 28.81 7.83
C ALA A 346 2.24 28.15 6.56
N GLY A 347 3.06 27.36 5.86
CA GLY A 347 2.59 26.68 4.63
C GLY A 347 2.33 27.61 3.44
N SER A 348 2.03 27.01 2.29
CA SER A 348 1.91 27.76 1.04
C SER A 348 0.46 27.83 0.55
N ILE A 349 -0.50 27.53 1.42
CA ILE A 349 -1.91 27.65 1.10
C ILE A 349 -2.50 28.88 1.78
N LEU A 350 -3.23 29.70 1.04
CA LEU A 350 -3.99 30.76 1.64
C LEU A 350 -5.41 30.69 1.07
N THR A 351 -6.28 31.52 1.62
CA THR A 351 -7.70 31.56 1.26
C THR A 351 -8.09 33.04 1.22
N PHE A 352 -9.10 33.39 0.41
CA PHE A 352 -9.68 34.74 0.34
C PHE A 352 -11.04 34.71 -0.37
N GLU A 353 -11.74 35.83 -0.33
CA GLU A 353 -13.06 35.92 -0.93
C GLU A 353 -13.11 37.13 -1.81
N LEU A 354 -13.95 37.06 -2.83
CA LEU A 354 -14.39 38.28 -3.49
C LEU A 354 -15.80 38.57 -2.96
N GLU A 355 -16.49 39.53 -3.60
CA GLU A 355 -17.83 39.95 -3.12
C GLU A 355 -18.87 38.83 -3.08
N SER A 356 -18.86 37.94 -4.06
CA SER A 356 -19.85 36.91 -4.13
C SER A 356 -19.34 35.67 -4.83
N LYS A 357 -20.04 34.56 -4.64
CA LYS A 357 -19.77 33.34 -5.37
C LYS A 357 -19.50 33.67 -6.88
N GLU A 358 -20.37 34.47 -7.49
CA GLU A 358 -20.26 34.76 -8.93
C GLU A 358 -19.05 35.63 -9.32
N ALA A 359 -18.74 36.64 -8.51
CA ALA A 359 -17.51 37.38 -8.74
C ALA A 359 -16.27 36.44 -8.63
N SER A 360 -16.29 35.46 -7.72
CA SER A 360 -15.17 34.52 -7.54
C SER A 360 -14.99 33.64 -8.76
N TYR A 361 -16.09 33.09 -9.28
CA TYR A 361 -16.08 32.28 -10.54
C TYR A 361 -15.54 33.05 -11.75
N ARG A 362 -15.97 34.29 -11.90
CA ARG A 362 -15.55 35.10 -13.05
C ARG A 362 -14.05 35.48 -12.93
N PHE A 363 -13.61 35.83 -11.74
CA PHE A 363 -12.19 35.99 -11.45
C PHE A 363 -11.36 34.76 -11.91
N MET A 364 -11.77 33.56 -11.45
CA MET A 364 -11.10 32.28 -11.72
C MET A 364 -11.09 31.93 -13.20
N ASP A 365 -12.20 32.20 -13.89
CA ASP A 365 -12.25 31.95 -15.33
C ASP A 365 -11.29 32.86 -16.09
N ALA A 366 -11.00 34.04 -15.53
CA ALA A 366 -10.11 35.02 -16.15
C ALA A 366 -8.60 34.88 -15.82
N LEU A 367 -8.24 34.07 -14.83
CA LEU A 367 -6.80 33.84 -14.53
C LEU A 367 -6.11 33.19 -15.72
N LYS A 368 -4.91 33.66 -16.01
CA LYS A 368 -4.14 33.07 -17.12
C LYS A 368 -2.95 32.15 -16.74
N LEU A 369 -2.34 32.36 -15.57
CA LEU A 369 -1.26 31.52 -15.00
C LEU A 369 -1.82 30.50 -14.00
N ILE A 370 -2.41 31.02 -12.92
CA ILE A 370 -3.03 30.23 -11.85
C ILE A 370 -4.16 29.43 -12.43
N ARG A 371 -4.15 28.12 -12.24
CA ARG A 371 -5.17 27.27 -12.88
C ARG A 371 -6.09 26.66 -11.85
N ARG A 372 -7.33 26.43 -12.25
CA ARG A 372 -8.22 25.67 -11.45
C ARG A 372 -7.89 24.22 -11.44
N ALA A 373 -7.82 23.61 -10.26
CA ALA A 373 -7.49 22.19 -10.13
C ALA A 373 -7.69 21.78 -8.72
N THR A 374 -7.63 20.47 -8.51
CA THR A 374 -7.79 19.82 -7.20
C THR A 374 -6.51 19.64 -6.39
N ASN A 375 -5.36 19.59 -7.04
CA ASN A 375 -4.15 19.27 -6.30
C ASN A 375 -3.70 20.48 -5.50
N ILE A 376 -2.83 20.26 -4.52
CA ILE A 376 -2.11 21.32 -3.81
C ILE A 376 -0.62 20.95 -3.77
N HIS A 377 0.22 21.90 -3.39
CA HIS A 377 1.68 21.77 -3.36
C HIS A 377 2.33 21.38 -4.72
N ASP A 378 1.69 21.75 -5.80
CA ASP A 378 2.36 21.74 -7.08
C ASP A 378 3.35 22.91 -7.24
N ASN A 379 4.34 22.78 -8.11
CA ASN A 379 5.17 23.95 -8.53
C ASN A 379 4.34 25.06 -9.14
N LYS A 380 3.28 24.66 -9.83
CA LYS A 380 2.31 25.58 -10.41
C LYS A 380 1.31 26.05 -9.34
N SER A 381 0.99 27.34 -9.37
CA SER A 381 -0.06 27.90 -8.50
C SER A 381 -1.46 27.44 -8.93
N LEU A 382 -2.25 26.97 -7.98
CA LEU A 382 -3.56 26.38 -8.30
C LEU A 382 -4.63 26.89 -7.37
N ILE A 383 -5.84 26.97 -7.90
CA ILE A 383 -6.93 27.56 -7.19
C ILE A 383 -8.22 26.76 -7.37
N LEU A 384 -9.09 26.85 -6.36
CA LEU A 384 -10.45 26.30 -6.45
C LEU A 384 -11.36 26.87 -5.39
N SER A 385 -12.65 26.71 -5.65
CA SER A 385 -13.68 27.06 -4.73
C SER A 385 -14.14 25.86 -3.91
N PRO A 386 -13.67 25.73 -2.66
CA PRO A 386 -14.00 24.52 -1.86
C PRO A 386 -15.50 24.27 -1.73
N TYR A 387 -16.30 25.32 -1.54
CA TYR A 387 -17.77 25.21 -1.56
C TYR A 387 -18.29 24.45 -2.78
N HIS A 388 -18.03 24.89 -4.01
CA HIS A 388 -18.58 24.16 -5.19
C HIS A 388 -18.34 22.61 -5.22
N VAL A 389 -17.45 22.12 -4.36
CA VAL A 389 -17.05 20.72 -4.30
C VAL A 389 -17.64 19.99 -3.04
N ILE A 390 -18.44 20.70 -2.27
CA ILE A 390 -18.95 20.24 -0.95
C ILE A 390 -17.82 19.95 0.06
N LEU A 400 -17.39 20.38 7.85
CA LEU A 400 -18.69 20.99 7.46
C LEU A 400 -18.58 22.12 6.43
N LYS A 401 -19.12 21.85 5.23
CA LYS A 401 -19.38 22.85 4.17
C LYS A 401 -20.12 24.05 4.76
N LEU A 402 -21.08 23.75 5.64
CA LEU A 402 -21.95 24.75 6.24
C LEU A 402 -21.18 25.94 6.84
N GLU A 403 -19.96 25.69 7.31
CA GLU A 403 -19.11 26.77 7.89
C GLU A 403 -18.19 27.49 6.89
N ILE A 404 -18.26 27.15 5.60
CA ILE A 404 -17.42 27.84 4.61
C ILE A 404 -18.17 28.70 3.54
N SER A 405 -17.63 29.88 3.26
CA SER A 405 -18.28 30.82 2.34
C SER A 405 -18.30 30.33 0.89
N PRO A 406 -19.46 30.44 0.21
CA PRO A 406 -19.48 30.12 -1.26
C PRO A 406 -18.59 31.03 -2.11
N ALA A 407 -18.18 32.18 -1.56
CA ALA A 407 -17.31 33.10 -2.26
C ALA A 407 -15.82 32.91 -1.96
N MET A 408 -15.51 31.94 -1.10
CA MET A 408 -14.14 31.64 -0.76
C MET A 408 -13.47 30.78 -1.78
N MET A 409 -12.25 31.19 -2.10
CA MET A 409 -11.31 30.46 -2.93
C MET A 409 -10.03 30.05 -2.13
N ARG A 410 -9.56 28.84 -2.38
CA ARG A 410 -8.30 28.33 -1.82
C ARG A 410 -7.15 28.37 -2.85
N LEU A 411 -6.10 29.09 -2.52
CA LEU A 411 -4.98 29.28 -3.43
C LEU A 411 -3.78 28.49 -2.91
N SER A 412 -3.38 27.48 -3.67
CA SER A 412 -2.14 26.76 -3.38
C SER A 412 -1.02 27.44 -4.18
N VAL A 413 -0.10 28.06 -3.48
CA VAL A 413 0.84 28.97 -4.10
C VAL A 413 2.06 28.19 -4.53
N GLY A 414 2.50 28.50 -5.76
CA GLY A 414 3.59 27.76 -6.38
C GLY A 414 4.84 28.56 -6.37
N ILE A 415 5.74 28.19 -7.27
CA ILE A 415 7.08 28.76 -7.29
C ILE A 415 7.32 29.84 -8.39
N GLU A 416 6.32 30.16 -9.23
CA GLU A 416 6.36 31.34 -10.10
C GLU A 416 6.89 32.61 -9.42
N GLU A 417 7.55 33.48 -10.15
CA GLU A 417 7.95 34.79 -9.64
C GLU A 417 6.69 35.54 -9.19
N ILE A 418 6.82 36.19 -8.03
CA ILE A 418 5.75 36.86 -7.31
C ILE A 418 5.07 37.91 -8.18
N GLU A 419 5.87 38.63 -8.98
CA GLU A 419 5.36 39.72 -9.84
C GLU A 419 4.36 39.14 -10.86
N ASP A 420 4.58 37.92 -11.36
CA ASP A 420 3.63 37.34 -12.33
C ASP A 420 2.36 36.91 -11.70
N LEU A 421 2.45 36.44 -10.46
CA LEU A 421 1.26 35.99 -9.76
C LEU A 421 0.42 37.19 -9.39
N LYS A 422 1.07 38.23 -8.87
CA LYS A 422 0.30 39.46 -8.60
C LYS A 422 -0.38 39.98 -9.86
N GLU A 423 0.37 39.92 -10.97
CA GLU A 423 -0.10 40.44 -12.23
C GLU A 423 -1.29 39.65 -12.78
N ASP A 424 -1.23 38.32 -12.71
CA ASP A 424 -2.35 37.48 -13.15
C ASP A 424 -3.64 37.80 -12.36
N ILE A 425 -3.50 37.95 -11.03
CA ILE A 425 -4.63 38.20 -10.10
C ILE A 425 -5.25 39.62 -10.41
N LEU A 426 -4.39 40.61 -10.60
CA LEU A 426 -4.83 41.96 -10.97
C LEU A 426 -5.61 41.98 -12.26
N GLN A 427 -5.01 41.39 -13.30
CA GLN A 427 -5.61 41.21 -14.60
C GLN A 427 -6.96 40.51 -14.47
N ALA A 428 -7.04 39.42 -13.70
CA ALA A 428 -8.31 38.67 -13.65
C ALA A 428 -9.43 39.44 -12.89
N LEU A 429 -9.01 40.46 -12.17
CA LEU A 429 -9.92 41.41 -11.56
C LEU A 429 -10.26 42.57 -12.51
N CYS A 430 -9.41 42.83 -13.50
CA CYS A 430 -9.64 43.91 -14.45
C CYS A 430 -8.59 45.00 -14.32
N ARG B 25 -10.00 -17.14 -28.81
CA ARG B 25 -8.83 -16.22 -28.91
C ARG B 25 -7.70 -16.68 -27.97
N GLY B 26 -6.49 -16.70 -28.50
CA GLY B 26 -5.36 -17.05 -27.70
C GLY B 26 -5.00 -16.04 -26.63
N PHE B 27 -4.28 -16.52 -25.63
CA PHE B 27 -3.76 -15.71 -24.54
C PHE B 27 -2.88 -14.55 -24.96
N THR B 28 -1.94 -14.77 -25.91
CA THR B 28 -1.07 -13.67 -26.30
C THR B 28 -1.83 -12.59 -27.01
N THR B 29 -2.76 -13.01 -27.87
CA THR B 29 -3.62 -12.08 -28.59
C THR B 29 -4.38 -11.19 -27.62
N ARG B 30 -4.95 -11.79 -26.58
CA ARG B 30 -5.68 -11.02 -25.59
C ARG B 30 -4.86 -10.10 -24.67
N ALA B 31 -3.57 -10.39 -24.46
CA ALA B 31 -2.66 -9.48 -23.77
C ALA B 31 -2.38 -8.26 -24.67
N LEU B 32 -2.48 -8.42 -25.98
CA LEU B 32 -2.04 -7.37 -26.91
C LEU B 32 -3.19 -6.53 -27.47
N HIS B 33 -4.37 -7.13 -27.55
CA HIS B 33 -5.52 -6.48 -28.15
C HIS B 33 -6.67 -6.46 -27.15
N VAL B 34 -6.80 -5.33 -26.47
CA VAL B 34 -7.82 -5.18 -25.46
C VAL B 34 -9.08 -4.52 -26.03
N SER B 80 -6.74 10.21 -15.36
CA SER B 80 -6.70 9.70 -13.98
C SER B 80 -5.41 8.91 -13.82
N ASN B 81 -5.53 7.59 -13.92
CA ASN B 81 -4.38 6.71 -14.03
C ASN B 81 -4.40 5.74 -15.26
N PRO B 82 -4.15 6.27 -16.47
CA PRO B 82 -4.25 5.48 -17.69
C PRO B 82 -3.35 4.23 -17.81
N THR B 83 -2.08 4.28 -17.35
CA THR B 83 -1.22 3.07 -17.35
C THR B 83 -1.72 1.94 -16.46
N VAL B 84 -2.13 2.28 -15.25
CA VAL B 84 -2.71 1.29 -14.34
C VAL B 84 -4.03 0.73 -14.91
N GLU B 85 -4.94 1.62 -15.36
CA GLU B 85 -6.21 1.22 -15.96
C GLU B 85 -5.99 0.28 -17.16
N ASP B 86 -5.07 0.67 -18.05
CA ASP B 86 -4.66 -0.20 -19.18
C ASP B 86 -4.22 -1.61 -18.71
N LEU B 87 -3.34 -1.67 -17.70
CA LEU B 87 -2.96 -2.94 -17.07
C LEU B 87 -4.21 -3.75 -16.59
N GLU B 88 -5.09 -3.08 -15.86
CA GLU B 88 -6.33 -3.71 -15.41
C GLU B 88 -7.24 -4.29 -16.54
N GLN B 89 -7.39 -3.51 -17.62
CA GLN B 89 -8.13 -3.97 -18.81
C GLN B 89 -7.47 -5.13 -19.51
N ARG B 90 -6.15 -5.12 -19.61
CA ARG B 90 -5.43 -6.28 -20.13
C ARG B 90 -5.71 -7.55 -19.33
N LEU B 91 -5.56 -7.45 -18.02
CA LEU B 91 -5.79 -8.57 -17.11
C LEU B 91 -7.23 -9.06 -17.14
N LYS B 92 -8.18 -8.14 -17.21
CA LYS B 92 -9.59 -8.50 -17.43
C LYS B 92 -9.84 -9.22 -18.77
N ASN B 93 -9.27 -8.70 -19.86
CA ASN B 93 -9.25 -9.44 -21.15
C ASN B 93 -8.62 -10.85 -21.07
N LEU B 94 -7.49 -10.97 -20.36
CA LEU B 94 -6.82 -12.23 -20.28
C LEU B 94 -7.62 -13.20 -19.45
N THR B 95 -8.39 -12.69 -18.52
CA THR B 95 -9.10 -13.57 -17.65
C THR B 95 -10.63 -13.72 -17.91
N GLY B 96 -11.24 -12.83 -18.70
CA GLY B 96 -12.72 -12.86 -18.84
C GLY B 96 -13.48 -12.50 -17.54
N ALA B 97 -12.81 -11.82 -16.62
CA ALA B 97 -13.34 -11.52 -15.32
C ALA B 97 -14.37 -10.38 -15.33
N LEU B 98 -15.13 -10.27 -14.24
CA LEU B 98 -16.03 -9.14 -14.05
C LEU B 98 -15.18 -7.87 -13.90
N GLY B 99 -14.12 -7.97 -13.11
CA GLY B 99 -13.28 -6.80 -13.03
C GLY B 99 -11.99 -7.06 -12.28
N VAL B 100 -11.10 -6.07 -12.29
CA VAL B 100 -9.72 -6.31 -11.85
C VAL B 100 -9.21 -5.03 -11.19
N LEU B 101 -8.47 -5.21 -10.09
CA LEU B 101 -7.79 -4.14 -9.39
C LEU B 101 -6.29 -4.47 -9.35
N ALA B 102 -5.46 -3.54 -9.84
CA ALA B 102 -4.03 -3.61 -9.72
C ALA B 102 -3.57 -2.88 -8.44
N LEU B 103 -2.61 -3.46 -7.70
CA LEU B 103 -2.22 -2.91 -6.42
C LEU B 103 -0.73 -2.96 -6.28
N GLY B 104 -0.23 -2.33 -5.23
CA GLY B 104 1.20 -2.10 -5.04
C GLY B 104 2.00 -3.37 -4.76
N SER B 105 1.34 -4.47 -4.38
CA SER B 105 2.03 -5.75 -4.18
C SER B 105 1.06 -6.92 -4.03
N GLY B 106 1.63 -8.12 -4.03
CA GLY B 106 0.92 -9.36 -3.78
C GLY B 106 0.23 -9.41 -2.45
N MET B 107 0.99 -9.00 -1.38
CA MET B 107 0.43 -8.85 -0.03
C MET B 107 -0.66 -7.85 -0.04
N ALA B 108 -0.52 -6.74 -0.75
CA ALA B 108 -1.68 -5.78 -0.81
C ALA B 108 -2.92 -6.38 -1.43
N ALA B 109 -2.72 -7.26 -2.42
CA ALA B 109 -3.86 -7.88 -3.11
C ALA B 109 -4.54 -8.87 -2.13
N ILE B 110 -3.76 -9.70 -1.47
CA ILE B 110 -4.36 -10.66 -0.54
C ILE B 110 -5.12 -9.93 0.63
N SER B 111 -4.42 -8.99 1.29
CA SER B 111 -5.03 -8.29 2.38
C SER B 111 -6.25 -7.50 1.90
N THR B 112 -6.22 -6.91 0.69
CA THR B 112 -7.38 -6.16 0.21
C THR B 112 -8.60 -7.07 -0.01
N ALA B 113 -8.39 -8.27 -0.58
CA ALA B 113 -9.52 -9.20 -0.77
C ALA B 113 -10.12 -9.57 0.57
N ILE B 114 -9.27 -9.95 1.54
CA ILE B 114 -9.74 -10.39 2.87
C ILE B 114 -10.52 -9.30 3.62
N LEU B 115 -9.96 -8.10 3.64
CA LEU B 115 -10.53 -6.98 4.41
C LEU B 115 -11.76 -6.39 3.73
N THR B 116 -11.98 -6.75 2.46
CA THR B 116 -13.26 -6.39 1.80
C THR B 116 -14.36 -7.29 2.40
N LEU B 117 -14.01 -8.55 2.75
CA LEU B 117 -15.02 -9.52 3.26
C LEU B 117 -15.17 -9.69 4.80
N ALA B 118 -14.03 -9.58 5.51
CA ALA B 118 -13.95 -9.94 6.92
C ALA B 118 -13.67 -8.67 7.70
N ARG B 119 -14.27 -8.60 8.90
CA ARG B 119 -14.10 -7.51 9.85
C ARG B 119 -14.16 -8.06 11.27
N ALA B 120 -14.04 -7.18 12.27
CA ALA B 120 -13.91 -7.63 13.67
C ALA B 120 -15.11 -8.47 14.02
N GLY B 121 -14.91 -9.63 14.65
CA GLY B 121 -16.05 -10.52 15.01
C GLY B 121 -16.28 -11.64 14.01
N ASP B 122 -15.68 -11.55 12.81
CA ASP B 122 -15.70 -12.65 11.82
C ASP B 122 -14.55 -13.65 11.98
N SER B 123 -14.65 -14.76 11.27
CA SER B 123 -13.55 -15.67 11.20
C SER B 123 -13.19 -15.82 9.71
N VAL B 124 -12.02 -16.42 9.47
CA VAL B 124 -11.58 -16.78 8.16
C VAL B 124 -10.90 -18.15 8.29
N VAL B 125 -10.99 -19.00 7.25
CA VAL B 125 -10.23 -20.26 7.19
C VAL B 125 -9.10 -20.18 6.09
N THR B 126 -7.88 -20.67 6.36
CA THR B 126 -6.81 -20.80 5.38
C THR B 126 -6.01 -22.02 5.62
N THR B 127 -5.17 -22.31 4.65
CA THR B 127 -4.26 -23.41 4.73
C THR B 127 -3.28 -23.28 5.91
N ASP B 128 -2.92 -24.40 6.52
CA ASP B 128 -1.84 -24.41 7.49
C ASP B 128 -0.43 -24.46 6.86
N ARG B 129 -0.31 -24.32 5.53
CA ARG B 129 0.99 -24.36 4.83
C ARG B 129 1.56 -22.99 4.44
N LEU B 130 1.25 -21.94 5.19
CA LEU B 130 1.75 -20.62 4.85
C LEU B 130 3.09 -20.45 5.56
N PHE B 131 3.97 -19.60 5.02
CA PHE B 131 5.08 -19.07 5.83
C PHE B 131 5.42 -17.64 5.39
N GLY B 132 6.39 -17.02 6.07
CA GLY B 132 6.83 -15.67 5.69
C GLY B 132 5.68 -14.68 5.80
N HIS B 133 5.52 -13.81 4.80
CA HIS B 133 4.64 -12.66 4.90
C HIS B 133 3.22 -13.05 4.96
N THR B 134 2.84 -14.02 4.16
CA THR B 134 1.43 -14.38 4.09
C THR B 134 1.05 -15.02 5.42
N LEU B 135 1.97 -15.80 6.00
CA LEU B 135 1.70 -16.40 7.30
C LEU B 135 1.62 -15.33 8.38
N SER B 136 2.49 -14.32 8.31
CA SER B 136 2.47 -13.32 9.38
C SER B 136 1.15 -12.49 9.32
N LEU B 137 0.63 -12.25 8.10
CA LEU B 137 -0.68 -11.56 8.00
C LEU B 137 -1.79 -12.33 8.81
N PHE B 138 -1.82 -13.64 8.67
CA PHE B 138 -2.86 -14.46 9.32
C PHE B 138 -2.60 -14.72 10.79
N GLN B 139 -1.34 -14.78 11.19
CA GLN B 139 -0.97 -14.94 12.61
C GLN B 139 -0.97 -13.64 13.45
N LYS B 140 -0.52 -12.52 12.88
CA LYS B 140 -0.44 -11.28 13.60
C LYS B 140 -1.42 -10.16 13.21
N THR B 141 -1.57 -9.88 11.92
CA THR B 141 -2.28 -8.68 11.55
C THR B 141 -3.79 -8.93 11.67
N LEU B 142 -4.28 -9.96 11.00
CA LEU B 142 -5.74 -10.22 11.06
C LEU B 142 -6.33 -10.43 12.49
N PRO B 143 -5.68 -11.23 13.37
CA PRO B 143 -6.22 -11.31 14.78
C PRO B 143 -6.21 -9.99 15.52
N SER B 144 -5.33 -9.06 15.14
CA SER B 144 -5.35 -7.66 15.70
C SER B 144 -6.48 -6.82 15.20
N PHE B 145 -7.13 -7.26 14.11
CA PHE B 145 -8.28 -6.56 13.52
C PHE B 145 -9.57 -7.21 14.02
N GLY B 146 -9.41 -8.12 14.98
CA GLY B 146 -10.52 -8.84 15.61
C GLY B 146 -11.08 -9.99 14.78
N ILE B 147 -10.28 -10.47 13.82
CA ILE B 147 -10.66 -11.52 12.90
C ILE B 147 -10.07 -12.85 13.38
N GLU B 148 -10.92 -13.82 13.60
CA GLU B 148 -10.37 -15.06 14.10
C GLU B 148 -9.88 -15.87 12.86
N VAL B 149 -8.66 -16.39 12.93
CA VAL B 149 -8.14 -17.16 11.83
C VAL B 149 -8.11 -18.61 12.21
N ARG B 150 -8.69 -19.45 11.35
CA ARG B 150 -8.65 -20.89 11.56
C ARG B 150 -7.75 -21.61 10.53
N PHE B 151 -6.68 -22.25 11.01
CA PHE B 151 -5.73 -22.92 10.12
C PHE B 151 -6.16 -24.39 10.05
N VAL B 152 -6.21 -24.95 8.83
CA VAL B 152 -6.63 -26.32 8.59
C VAL B 152 -5.79 -26.91 7.47
N ASP B 153 -5.83 -28.24 7.37
CA ASP B 153 -5.27 -29.01 6.28
C ASP B 153 -6.24 -28.98 5.09
N VAL B 154 -5.84 -28.26 4.06
CA VAL B 154 -6.71 -27.92 2.97
C VAL B 154 -6.80 -29.10 2.00
N MET B 155 -5.91 -30.07 2.22
CA MET B 155 -5.95 -31.35 1.54
C MET B 155 -7.14 -32.21 1.99
N ASP B 156 -7.77 -31.82 3.11
CA ASP B 156 -8.83 -32.55 3.79
C ASP B 156 -10.18 -31.77 3.75
N SER B 157 -11.04 -32.08 2.78
CA SER B 157 -12.31 -31.33 2.64
C SER B 157 -13.26 -31.38 3.82
N LEU B 158 -13.20 -32.45 4.61
CA LEU B 158 -13.93 -32.55 5.86
C LEU B 158 -13.45 -31.58 6.94
N ALA B 159 -12.13 -31.39 7.07
CA ALA B 159 -11.59 -30.49 8.09
C ALA B 159 -11.94 -29.06 7.69
N VAL B 160 -11.94 -28.80 6.38
CA VAL B 160 -12.31 -27.48 5.88
C VAL B 160 -13.76 -27.16 6.24
N GLU B 161 -14.64 -28.13 6.00
CA GLU B 161 -16.08 -28.02 6.35
C GLU B 161 -16.33 -27.73 7.83
N HIS B 162 -15.66 -28.50 8.69
CA HIS B 162 -15.83 -28.31 10.13
C HIS B 162 -15.27 -26.99 10.66
N ALA B 163 -14.32 -26.39 9.94
CA ALA B 163 -13.79 -25.08 10.37
C ALA B 163 -14.69 -23.91 10.01
N CYS B 164 -15.58 -24.10 9.06
CA CYS B 164 -16.46 -23.02 8.58
C CYS B 164 -17.79 -23.01 9.33
N ASP B 165 -18.19 -21.85 9.86
CA ASP B 165 -19.52 -21.70 10.44
C ASP B 165 -20.06 -20.36 9.98
N GLU B 166 -21.05 -19.80 10.66
CA GLU B 166 -21.74 -18.60 10.13
C GLU B 166 -20.88 -17.37 10.26
N THR B 167 -19.81 -17.45 11.03
CA THR B 167 -18.92 -16.25 11.19
C THR B 167 -17.87 -16.20 10.08
N THR B 168 -17.80 -17.25 9.27
CA THR B 168 -16.64 -17.44 8.39
C THR B 168 -16.86 -16.74 7.08
N LYS B 169 -15.99 -15.81 6.73
CA LYS B 169 -16.26 -15.00 5.56
C LYS B 169 -15.41 -15.29 4.35
N LEU B 170 -14.50 -16.25 4.48
CA LEU B 170 -13.85 -16.74 3.33
C LEU B 170 -12.91 -17.90 3.69
N LEU B 171 -12.60 -18.69 2.67
CA LEU B 171 -11.54 -19.68 2.66
C LEU B 171 -10.43 -19.11 1.78
N PHE B 172 -9.18 -19.15 2.26
CA PHE B 172 -8.03 -18.67 1.49
C PHE B 172 -7.00 -19.80 1.30
N LEU B 173 -6.55 -19.98 0.10
CA LEU B 173 -5.41 -20.90 -0.08
C LEU B 173 -4.61 -20.57 -1.32
N GLU B 174 -3.53 -21.31 -1.51
CA GLU B 174 -2.72 -21.19 -2.70
C GLU B 174 -2.95 -22.42 -3.58
N THR B 175 -2.62 -22.22 -4.83
CA THR B 175 -2.86 -23.17 -5.87
C THR B 175 -1.85 -24.34 -5.79
N ILE B 176 -0.62 -24.01 -5.41
CA ILE B 176 0.45 -24.99 -5.22
C ILE B 176 1.29 -24.49 -4.07
N SER B 177 1.38 -25.30 -3.04
CA SER B 177 2.06 -24.91 -1.81
C SER B 177 3.57 -24.95 -2.02
N ASN B 178 4.30 -24.27 -1.16
CA ASN B 178 5.74 -24.03 -1.34
C ASN B 178 6.43 -24.33 -0.03
N PRO B 179 7.37 -25.31 0.02
CA PRO B 179 8.06 -26.00 -1.08
C PRO B 179 7.55 -27.38 -1.40
N GLN B 180 6.55 -27.84 -0.64
CA GLN B 180 6.05 -29.21 -0.79
C GLN B 180 5.28 -29.46 -2.11
N LEU B 181 4.79 -28.43 -2.76
CA LEU B 181 4.07 -28.60 -4.03
C LEU B 181 2.80 -29.37 -3.85
N GLN B 182 2.07 -29.09 -2.79
CA GLN B 182 0.78 -29.76 -2.57
C GLN B 182 -0.33 -29.03 -3.32
N VAL B 183 -1.23 -29.76 -3.97
CA VAL B 183 -2.19 -29.16 -4.88
C VAL B 183 -3.58 -29.45 -4.34
N ALA B 184 -4.28 -28.43 -3.82
CA ALA B 184 -5.61 -28.68 -3.27
C ALA B 184 -6.60 -28.76 -4.41
N ASP B 185 -7.67 -29.50 -4.15
CA ASP B 185 -8.69 -29.74 -5.12
C ASP B 185 -9.65 -28.57 -5.12
N LEU B 186 -9.38 -27.54 -5.92
CA LEU B 186 -10.15 -26.29 -5.81
C LEU B 186 -11.64 -26.49 -5.94
N GLU B 187 -12.09 -27.27 -6.93
CA GLU B 187 -13.48 -27.39 -7.21
C GLU B 187 -14.20 -28.10 -6.07
N ALA B 188 -13.55 -29.07 -5.48
CA ALA B 188 -14.12 -29.72 -4.31
C ALA B 188 -14.27 -28.77 -3.10
N LEU B 189 -13.26 -27.91 -2.86
CA LEU B 189 -13.31 -26.99 -1.78
C LEU B 189 -14.30 -25.88 -2.09
N SER B 190 -14.43 -25.43 -3.37
CA SER B 190 -15.41 -24.40 -3.64
C SER B 190 -16.84 -24.86 -3.27
N LYS B 191 -17.12 -26.14 -3.51
CA LYS B 191 -18.42 -26.73 -3.17
C LYS B 191 -18.69 -26.77 -1.66
N VAL B 192 -17.65 -27.08 -0.89
CA VAL B 192 -17.80 -27.13 0.54
C VAL B 192 -18.13 -25.74 1.04
N VAL B 193 -17.41 -24.78 0.52
CA VAL B 193 -17.53 -23.45 1.04
C VAL B 193 -18.79 -22.74 0.47
N HIS B 194 -19.11 -22.98 -0.81
CA HIS B 194 -20.29 -22.40 -1.38
C HIS B 194 -21.55 -22.91 -0.74
N ALA B 195 -21.53 -24.18 -0.29
CA ALA B 195 -22.65 -24.81 0.42
C ALA B 195 -22.95 -24.14 1.77
N LYS B 196 -22.01 -23.32 2.24
CA LYS B 196 -22.23 -22.49 3.45
C LYS B 196 -22.30 -21.01 3.15
N GLY B 197 -22.36 -20.66 1.88
CA GLY B 197 -22.43 -19.26 1.49
C GLY B 197 -21.11 -18.50 1.76
N ILE B 198 -19.99 -19.20 1.65
CA ILE B 198 -18.67 -18.60 1.90
C ILE B 198 -17.86 -18.51 0.56
N PRO B 199 -17.27 -17.35 0.27
CA PRO B 199 -16.53 -17.23 -0.98
C PRO B 199 -15.17 -17.93 -0.89
N LEU B 200 -14.63 -18.31 -2.05
CA LEU B 200 -13.30 -18.93 -2.18
C LEU B 200 -12.30 -17.90 -2.72
N VAL B 201 -11.22 -17.63 -1.99
CA VAL B 201 -10.24 -16.66 -2.44
C VAL B 201 -8.94 -17.41 -2.56
N VAL B 202 -8.35 -17.35 -3.77
CA VAL B 202 -7.16 -18.16 -4.11
C VAL B 202 -5.98 -17.35 -4.65
N ASP B 203 -4.79 -17.61 -4.10
CA ASP B 203 -3.58 -16.95 -4.55
C ASP B 203 -3.08 -17.85 -5.65
N THR B 204 -3.06 -17.35 -6.89
CA THR B 204 -2.67 -18.19 -8.03
C THR B 204 -1.25 -17.87 -8.50
N THR B 205 -0.44 -17.25 -7.65
CA THR B 205 0.93 -16.93 -8.07
C THR B 205 1.66 -18.05 -8.75
N MET B 206 1.54 -19.28 -8.22
CA MET B 206 2.23 -20.46 -8.80
C MET B 206 1.65 -20.88 -10.10
N THR B 207 0.36 -20.53 -10.34
CA THR B 207 -0.31 -20.96 -11.61
C THR B 207 -1.15 -19.81 -12.15
N PRO B 208 -0.52 -18.81 -12.75
CA PRO B 208 -1.25 -17.64 -13.18
C PRO B 208 -2.19 -17.95 -14.33
N PRO B 209 -2.97 -16.94 -14.79
CA PRO B 209 -4.02 -17.16 -15.77
C PRO B 209 -3.76 -18.00 -17.02
N TYR B 210 -2.60 -17.90 -17.63
CA TYR B 210 -2.35 -18.79 -18.78
C TYR B 210 -2.39 -20.32 -18.41
N LEU B 211 -2.01 -20.64 -17.18
CA LEU B 211 -1.95 -22.03 -16.70
C LEU B 211 -3.30 -22.52 -16.10
N LEU B 212 -4.13 -21.57 -15.65
CA LEU B 212 -5.31 -21.94 -14.84
C LEU B 212 -6.51 -21.08 -15.26
N GLU B 213 -7.70 -21.68 -15.42
CA GLU B 213 -8.89 -20.78 -15.55
C GLU B 213 -9.65 -20.95 -14.27
N ALA B 214 -9.41 -20.07 -13.29
CA ALA B 214 -9.87 -20.33 -11.95
C ALA B 214 -11.38 -20.32 -11.85
N LYS B 215 -12.03 -19.47 -12.62
CA LYS B 215 -13.50 -19.42 -12.58
C LYS B 215 -14.14 -20.83 -12.82
N ARG B 216 -13.60 -21.66 -13.72
CA ARG B 216 -14.13 -23.02 -13.96
C ARG B 216 -14.04 -23.91 -12.76
N LEU B 217 -13.20 -23.55 -11.80
CA LEU B 217 -13.02 -24.47 -10.66
C LEU B 217 -13.78 -23.92 -9.47
N GLY B 218 -14.58 -22.88 -9.69
CA GLY B 218 -15.38 -22.28 -8.63
C GLY B 218 -14.69 -21.20 -7.79
N VAL B 219 -13.60 -20.60 -8.32
CA VAL B 219 -12.82 -19.66 -7.46
C VAL B 219 -13.48 -18.31 -7.64
N ASP B 220 -14.00 -17.70 -6.57
CA ASP B 220 -14.65 -16.39 -6.61
C ASP B 220 -13.68 -15.16 -6.83
N ILE B 221 -12.56 -15.17 -6.09
CA ILE B 221 -11.61 -14.10 -6.09
C ILE B 221 -10.21 -14.71 -6.26
N GLU B 222 -9.50 -14.24 -7.30
CA GLU B 222 -8.20 -14.65 -7.58
C GLU B 222 -7.28 -13.47 -7.23
N VAL B 223 -6.22 -13.81 -6.53
CA VAL B 223 -5.25 -12.87 -6.17
C VAL B 223 -3.87 -13.43 -6.58
N LEU B 224 -2.94 -12.56 -6.95
CA LEU B 224 -1.57 -12.97 -7.26
C LEU B 224 -0.58 -11.79 -7.22
N SER B 225 0.69 -12.14 -6.97
CA SER B 225 1.83 -11.24 -7.18
C SER B 225 2.12 -11.12 -8.66
N SER B 226 2.30 -9.89 -9.14
CA SER B 226 2.65 -9.66 -10.52
C SER B 226 4.12 -9.95 -10.75
N THR B 227 4.44 -10.16 -12.02
CA THR B 227 5.82 -10.26 -12.52
C THR B 227 6.68 -9.11 -11.98
N LYS B 228 7.73 -9.50 -11.25
CA LYS B 228 8.68 -8.55 -10.72
C LYS B 228 9.74 -8.06 -11.76
N PHE B 229 10.23 -6.82 -11.58
CA PHE B 229 11.32 -6.28 -12.40
C PHE B 229 12.45 -5.74 -11.53
N ILE B 230 13.65 -6.30 -11.70
CA ILE B 230 14.76 -6.01 -10.82
C ILE B 230 15.63 -4.88 -11.40
N GLY B 234 16.69 -1.51 -7.66
CA GLY B 234 15.84 -2.20 -6.70
C GLY B 234 14.90 -3.21 -7.39
N THR B 235 13.91 -3.72 -6.65
CA THR B 235 12.84 -4.54 -7.26
C THR B 235 11.47 -3.87 -7.29
N SER B 236 10.90 -3.73 -8.49
CA SER B 236 9.55 -3.29 -8.70
C SER B 236 8.57 -4.46 -8.64
N VAL B 237 7.63 -4.35 -7.69
CA VAL B 237 6.65 -5.39 -7.36
C VAL B 237 5.19 -4.96 -7.77
N GLY B 238 4.26 -5.90 -7.75
CA GLY B 238 2.82 -5.55 -7.86
C GLY B 238 1.93 -6.68 -7.41
N GLY B 239 0.65 -6.40 -7.29
CA GLY B 239 -0.32 -7.42 -7.06
C GLY B 239 -1.55 -7.20 -7.89
N VAL B 240 -2.34 -8.25 -8.01
CA VAL B 240 -3.54 -8.23 -8.83
C VAL B 240 -4.69 -8.88 -8.04
N LEU B 241 -5.87 -8.21 -8.06
CA LEU B 241 -7.12 -8.78 -7.50
C LEU B 241 -8.15 -8.93 -8.60
N ILE B 242 -8.63 -10.14 -8.72
CA ILE B 242 -9.59 -10.51 -9.80
C ILE B 242 -10.95 -11.08 -9.26
N ASP B 243 -12.04 -10.40 -9.60
CA ASP B 243 -13.38 -10.91 -9.30
C ASP B 243 -13.88 -11.68 -10.48
N HIS B 244 -13.99 -12.98 -10.34
CA HIS B 244 -14.39 -13.81 -11.47
C HIS B 244 -15.86 -13.78 -11.87
N GLY B 245 -16.68 -12.96 -11.20
CA GLY B 245 -18.11 -12.87 -11.60
C GLY B 245 -18.94 -14.09 -11.26
N LEU B 246 -18.55 -14.75 -10.17
CA LEU B 246 -19.18 -16.00 -9.76
C LEU B 246 -20.09 -15.80 -8.54
N PHE B 247 -19.56 -15.15 -7.49
CA PHE B 247 -20.29 -15.08 -6.23
C PHE B 247 -21.37 -14.02 -6.33
N GLU B 248 -22.54 -14.32 -5.78
CA GLU B 248 -23.64 -13.35 -5.81
C GLU B 248 -23.43 -12.43 -4.59
N TRP B 249 -22.81 -11.27 -4.79
CA TRP B 249 -22.38 -10.46 -3.64
C TRP B 249 -23.50 -9.82 -2.84
N LYS B 250 -24.69 -9.61 -3.46
CA LYS B 250 -25.77 -9.00 -2.68
C LYS B 250 -26.30 -9.89 -1.54
N SER B 251 -26.03 -11.17 -1.60
CA SER B 251 -26.50 -12.04 -0.55
C SER B 251 -25.65 -11.84 0.72
N LEU B 252 -24.57 -11.04 0.64
CA LEU B 252 -23.71 -10.88 1.80
C LEU B 252 -23.94 -9.56 2.53
N PRO B 253 -24.14 -9.62 3.88
CA PRO B 253 -24.29 -8.38 4.64
C PRO B 253 -23.09 -7.43 4.44
N SER B 254 -21.88 -7.95 4.35
CA SER B 254 -20.72 -7.04 4.09
C SER B 254 -20.83 -6.20 2.81
N LEU B 255 -21.47 -6.71 1.78
CA LEU B 255 -21.46 -5.97 0.49
C LEU B 255 -22.82 -5.44 0.07
N ALA B 256 -23.89 -5.95 0.69
CA ALA B 256 -25.28 -5.53 0.32
C ALA B 256 -25.46 -4.00 0.29
N PRO B 257 -24.83 -3.26 1.19
CA PRO B 257 -24.87 -1.78 1.13
C PRO B 257 -24.19 -1.12 -0.11
N TYR B 258 -23.29 -1.83 -0.75
CA TYR B 258 -22.68 -1.29 -1.95
C TYR B 258 -23.53 -1.70 -3.15
N TYR B 259 -24.44 -2.68 -2.97
CA TYR B 259 -25.07 -3.30 -4.11
C TYR B 259 -25.95 -2.21 -4.73
N ALA B 260 -26.55 -1.40 -3.87
CA ALA B 260 -27.37 -0.29 -4.34
C ALA B 260 -26.62 0.58 -5.30
N LYS B 261 -25.39 0.92 -4.94
CA LYS B 261 -24.61 1.84 -5.72
C LYS B 261 -23.90 1.20 -6.94
N ALA B 262 -23.57 -0.10 -6.85
CA ALA B 262 -22.64 -0.70 -7.80
C ALA B 262 -23.13 -2.03 -8.43
N GLY B 263 -24.26 -2.54 -7.95
CA GLY B 263 -24.83 -3.76 -8.48
C GLY B 263 -23.86 -4.93 -8.34
N PRO B 264 -23.76 -5.77 -9.41
CA PRO B 264 -22.78 -6.88 -9.48
C PRO B 264 -21.31 -6.42 -9.16
N MET B 265 -21.04 -5.13 -9.22
CA MET B 265 -19.68 -4.60 -9.04
C MET B 265 -19.41 -4.26 -7.56
N ALA B 266 -20.26 -4.73 -6.64
CA ALA B 266 -20.19 -4.37 -5.25
C ALA B 266 -18.89 -4.82 -4.53
N PHE B 267 -18.36 -6.01 -4.85
CA PHE B 267 -17.05 -6.42 -4.27
C PHE B 267 -15.97 -5.43 -4.74
N LEU B 268 -15.88 -5.24 -6.04
CA LEU B 268 -14.88 -4.38 -6.62
C LEU B 268 -15.00 -2.94 -6.15
N TYR B 269 -16.23 -2.49 -5.96
CA TYR B 269 -16.52 -1.16 -5.49
C TYR B 269 -16.01 -0.93 -4.07
N LYS B 270 -16.35 -1.83 -3.17
CA LYS B 270 -15.74 -1.74 -1.82
C LYS B 270 -14.22 -1.83 -1.81
N ALA B 271 -13.69 -2.82 -2.50
CA ALA B 271 -12.25 -3.12 -2.53
C ALA B 271 -11.52 -1.85 -3.04
N ARG B 272 -12.01 -1.27 -4.14
CA ARG B 272 -11.31 -0.13 -4.76
C ARG B 272 -11.59 1.22 -4.03
N LYS B 273 -12.86 1.54 -3.78
CA LYS B 273 -13.19 2.87 -3.28
C LYS B 273 -13.10 2.98 -1.76
N GLU B 274 -13.00 1.85 -1.07
CA GLU B 274 -12.92 1.93 0.34
C GLU B 274 -11.58 1.35 0.89
N VAL B 275 -11.35 0.06 0.76
CA VAL B 275 -10.20 -0.63 1.37
C VAL B 275 -8.91 -0.18 0.73
N PHE B 276 -8.82 -0.28 -0.58
CA PHE B 276 -7.63 0.21 -1.30
C PHE B 276 -7.37 1.72 -1.07
N GLN B 277 -8.42 2.50 -1.15
CA GLN B 277 -8.29 3.97 -1.09
C GLN B 277 -7.82 4.39 0.31
N ASN B 278 -8.27 3.67 1.34
CA ASN B 278 -8.00 4.06 2.68
C ASN B 278 -6.71 3.50 3.22
N LEU B 279 -6.25 2.32 2.77
CA LEU B 279 -4.98 1.72 3.22
C LEU B 279 -3.83 2.09 2.26
N GLY B 280 -4.18 2.58 1.08
CA GLY B 280 -3.19 3.21 0.21
C GLY B 280 -2.05 2.43 -0.44
N PRO B 281 -2.20 1.11 -0.73
CA PRO B 281 -1.14 0.40 -1.47
C PRO B 281 -1.15 0.70 -2.99
N SER B 282 -0.92 1.97 -3.31
CA SER B 282 -0.97 2.49 -4.71
C SER B 282 0.06 1.81 -5.58
N LEU B 283 -0.35 1.49 -6.81
CA LEU B 283 0.50 0.92 -7.83
C LEU B 283 1.10 2.04 -8.65
N SER B 284 2.42 2.11 -8.73
CA SER B 284 3.09 3.13 -9.57
C SER B 284 2.82 2.99 -11.07
N PRO B 285 2.57 4.09 -11.77
CA PRO B 285 2.44 3.94 -13.25
C PRO B 285 3.63 3.31 -13.94
N HIS B 286 4.83 3.55 -13.42
CA HIS B 286 6.02 2.95 -13.92
C HIS B 286 6.04 1.39 -13.76
N ASN B 287 5.65 0.87 -12.59
CA ASN B 287 5.57 -0.57 -12.37
C ASN B 287 4.50 -1.10 -13.30
N ALA B 288 3.42 -0.35 -13.42
CA ALA B 288 2.29 -0.78 -14.16
C ALA B 288 2.64 -0.93 -15.65
N TYR B 289 3.43 0.03 -16.19
CA TYR B 289 3.90 -0.05 -17.56
C TYR B 289 4.73 -1.34 -17.79
N LEU B 290 5.70 -1.57 -16.90
CA LEU B 290 6.54 -2.75 -17.03
C LEU B 290 5.71 -4.05 -17.00
N GLN B 291 4.78 -4.13 -16.05
CA GLN B 291 3.95 -5.34 -15.90
C GLN B 291 3.10 -5.55 -17.14
N SER B 292 2.55 -4.49 -17.72
CA SER B 292 1.95 -4.56 -19.05
C SER B 292 2.83 -5.11 -20.17
N LEU B 293 4.02 -4.51 -20.34
CA LEU B 293 5.04 -5.10 -21.20
C LEU B 293 5.22 -6.56 -20.92
N GLY B 294 5.31 -6.96 -19.64
CA GLY B 294 5.51 -8.35 -19.27
C GLY B 294 4.38 -9.28 -19.70
N LEU B 295 3.16 -8.76 -19.67
CA LEU B 295 1.99 -9.57 -19.99
C LEU B 295 2.01 -10.03 -21.46
N GLU B 296 2.58 -9.21 -22.32
CA GLU B 296 2.72 -9.54 -23.74
C GLU B 296 3.53 -10.80 -24.00
N THR B 297 4.56 -11.05 -23.18
CA THR B 297 5.37 -12.24 -23.37
C THR B 297 5.07 -13.31 -22.35
N MET B 298 4.07 -13.09 -21.50
CA MET B 298 3.73 -14.09 -20.48
C MET B 298 3.47 -15.53 -20.99
N ALA B 299 2.55 -15.68 -21.95
CA ALA B 299 2.32 -17.03 -22.50
C ALA B 299 3.59 -17.68 -23.00
N LEU B 300 4.41 -16.91 -23.73
CA LEU B 300 5.61 -17.45 -24.33
C LEU B 300 6.61 -17.89 -23.24
N ARG B 301 6.77 -17.09 -22.16
CA ARG B 301 7.75 -17.35 -21.15
C ARG B 301 7.29 -18.53 -20.29
N ILE B 302 5.99 -18.61 -20.02
CA ILE B 302 5.45 -19.67 -19.16
C ILE B 302 5.49 -21.03 -19.87
N GLU B 303 5.17 -21.05 -21.16
CA GLU B 303 5.32 -22.27 -21.97
C GLU B 303 6.73 -22.79 -21.81
N ARG B 304 7.74 -21.94 -22.06
CA ARG B 304 9.12 -22.36 -22.05
C ARG B 304 9.49 -22.86 -20.65
N SER B 305 9.24 -22.04 -19.66
CA SER B 305 9.53 -22.30 -18.28
C SER B 305 8.87 -23.61 -17.79
N CYS B 306 7.57 -23.79 -18.08
CA CYS B 306 6.82 -24.95 -17.60
C CYS B 306 7.13 -26.22 -18.39
N GLN B 307 7.45 -26.10 -19.68
CA GLN B 307 7.93 -27.30 -20.41
C GLN B 307 9.30 -27.70 -19.92
N ASN B 308 10.14 -26.73 -19.61
CA ASN B 308 11.50 -27.02 -19.05
C ASN B 308 11.36 -27.79 -17.75
N ALA B 309 10.49 -27.31 -16.84
CA ALA B 309 10.28 -27.92 -15.53
C ALA B 309 9.67 -29.33 -15.62
N GLN B 310 8.70 -29.52 -16.52
CA GLN B 310 8.18 -30.87 -16.83
C GLN B 310 9.27 -31.83 -17.28
N GLU B 311 10.01 -31.41 -18.31
CA GLU B 311 11.10 -32.17 -18.86
C GLU B 311 12.12 -32.45 -17.77
N LEU B 312 12.59 -31.41 -17.10
CA LEU B 312 13.62 -31.64 -16.06
C LEU B 312 13.13 -32.61 -14.99
N ALA B 313 11.85 -32.52 -14.58
CA ALA B 313 11.44 -33.44 -13.53
C ALA B 313 11.53 -34.88 -14.04
N HIS B 314 11.02 -35.15 -15.24
CA HIS B 314 11.21 -36.47 -15.86
C HIS B 314 12.70 -36.88 -15.89
N TRP B 315 13.52 -36.07 -16.56
CA TRP B 315 14.89 -36.37 -16.81
C TRP B 315 15.68 -36.60 -15.50
N LEU B 316 15.27 -35.90 -14.46
CA LEU B 316 15.90 -36.06 -13.18
C LEU B 316 15.74 -37.48 -12.65
N LEU B 317 14.66 -38.14 -13.06
CA LEU B 317 14.36 -39.51 -12.54
C LEU B 317 15.50 -40.46 -12.99
N SER B 318 16.19 -40.12 -14.09
CA SER B 318 17.23 -41.01 -14.69
C SER B 318 18.64 -40.86 -14.10
N ILE B 319 18.84 -39.87 -13.23
CA ILE B 319 20.20 -39.50 -12.69
C ILE B 319 20.50 -40.26 -11.38
N PRO B 320 21.50 -41.19 -11.40
CA PRO B 320 21.70 -42.12 -10.26
C PRO B 320 21.87 -41.41 -8.92
N GLN B 321 22.53 -40.26 -8.89
CA GLN B 321 22.70 -39.50 -7.65
C GLN B 321 21.47 -38.66 -7.26
N VAL B 322 20.46 -38.60 -8.09
CA VAL B 322 19.26 -37.89 -7.65
C VAL B 322 18.24 -38.82 -6.97
N LYS B 323 17.70 -38.39 -5.81
CA LYS B 323 16.45 -39.02 -5.21
C LYS B 323 15.23 -38.08 -5.07
N CYS B 324 14.06 -38.67 -4.83
CA CYS B 324 12.85 -37.91 -4.42
C CYS B 324 12.48 -36.69 -5.29
N VAL B 325 12.63 -36.78 -6.59
CA VAL B 325 12.09 -35.66 -7.37
C VAL B 325 10.61 -35.38 -7.11
N ASN B 326 10.26 -34.12 -6.92
CA ASN B 326 8.85 -33.78 -6.72
C ASN B 326 8.42 -32.75 -7.76
N HIS B 327 7.39 -33.10 -8.51
CA HIS B 327 6.67 -32.21 -9.37
C HIS B 327 5.28 -32.84 -9.66
N PRO B 328 4.22 -32.03 -9.66
CA PRO B 328 2.89 -32.64 -9.88
C PRO B 328 2.68 -33.27 -11.26
N SER B 329 3.58 -32.99 -12.18
CA SER B 329 3.44 -33.59 -13.54
C SER B 329 3.95 -35.06 -13.57
N LEU B 330 4.56 -35.53 -12.49
CA LEU B 330 5.08 -36.92 -12.45
C LEU B 330 3.94 -37.89 -12.07
N PRO B 331 3.73 -38.98 -12.86
CA PRO B 331 2.68 -39.99 -12.63
C PRO B 331 2.58 -40.47 -11.19
N ASP B 332 3.73 -40.60 -10.52
CA ASP B 332 3.76 -41.09 -9.14
C ASP B 332 3.45 -40.01 -8.09
N SER B 333 3.35 -38.76 -8.57
CA SER B 333 3.03 -37.66 -7.68
C SER B 333 1.63 -37.89 -7.14
N PRO B 334 1.43 -37.70 -5.83
CA PRO B 334 0.08 -37.78 -5.22
C PRO B 334 -0.90 -36.79 -5.85
N PHE B 335 -0.37 -35.72 -6.44
CA PHE B 335 -1.24 -34.67 -7.01
C PHE B 335 -1.34 -34.74 -8.53
N TYR B 336 -0.85 -35.85 -9.07
CA TYR B 336 -0.88 -36.09 -10.49
C TYR B 336 -2.22 -35.80 -11.18
N ALA B 337 -3.29 -36.45 -10.70
CA ALA B 337 -4.61 -36.30 -11.34
C ALA B 337 -5.26 -34.93 -11.17
N ILE B 338 -5.22 -34.40 -9.94
CA ILE B 338 -5.77 -33.10 -9.62
C ILE B 338 -5.08 -31.99 -10.44
N ALA B 339 -3.75 -32.06 -10.56
CA ALA B 339 -2.98 -31.06 -11.31
C ALA B 339 -3.29 -31.09 -12.82
N LYS B 340 -3.40 -32.30 -13.37
CA LYS B 340 -3.80 -32.52 -14.77
C LYS B 340 -5.22 -31.96 -15.09
N ARG B 341 -6.15 -32.11 -14.15
CA ARG B 341 -7.51 -31.60 -14.28
C ARG B 341 -7.53 -30.06 -14.19
N GLN B 342 -6.63 -29.49 -13.38
CA GLN B 342 -6.65 -28.02 -13.09
C GLN B 342 -5.79 -27.14 -13.99
N PHE B 343 -4.65 -27.68 -14.41
CA PHE B 343 -3.60 -26.81 -14.95
C PHE B 343 -3.15 -27.22 -16.33
N ARG B 344 -2.90 -26.25 -17.20
CA ARG B 344 -2.14 -26.51 -18.43
C ARG B 344 -0.79 -27.16 -18.05
N TYR B 345 -0.06 -26.60 -17.09
CA TYR B 345 1.15 -27.21 -16.54
C TYR B 345 1.17 -26.90 -15.06
N ALA B 346 1.80 -27.76 -14.27
CA ALA B 346 1.70 -27.60 -12.86
C ALA B 346 2.87 -26.72 -12.32
N GLY B 347 3.00 -25.51 -12.89
CA GLY B 347 3.96 -24.56 -12.36
C GLY B 347 5.37 -24.86 -12.79
N SER B 348 6.26 -23.92 -12.58
CA SER B 348 7.65 -24.10 -13.02
C SER B 348 8.64 -24.42 -11.87
N ILE B 349 8.09 -24.78 -10.70
CA ILE B 349 8.92 -25.11 -9.53
C ILE B 349 8.92 -26.62 -9.30
N LEU B 350 10.11 -27.21 -9.14
CA LEU B 350 10.22 -28.59 -8.76
C LEU B 350 11.21 -28.70 -7.61
N THR B 351 11.25 -29.88 -7.01
CA THR B 351 12.07 -30.16 -5.84
C THR B 351 12.75 -31.51 -6.11
N PHE B 352 13.96 -31.69 -5.58
CA PHE B 352 14.67 -33.00 -5.60
C PHE B 352 15.75 -33.08 -4.50
N GLU B 353 16.27 -34.28 -4.23
CA GLU B 353 17.33 -34.42 -3.19
C GLU B 353 18.49 -35.15 -3.77
N LEU B 354 19.68 -34.86 -3.27
CA LEU B 354 20.83 -35.74 -3.50
C LEU B 354 20.94 -36.68 -2.28
N GLU B 355 22.04 -37.43 -2.20
CA GLU B 355 22.30 -38.38 -1.10
C GLU B 355 22.15 -37.74 0.26
N SER B 356 22.57 -36.49 0.40
CA SER B 356 22.70 -35.86 1.72
C SER B 356 22.82 -34.35 1.62
N LYS B 357 22.57 -33.68 2.74
CA LYS B 357 22.70 -32.23 2.82
C LYS B 357 24.05 -31.81 2.19
N GLU B 358 25.14 -32.50 2.54
CA GLU B 358 26.46 -32.07 2.06
C GLU B 358 26.60 -32.25 0.53
N ALA B 359 26.16 -33.39 -0.01
CA ALA B 359 26.18 -33.55 -1.44
C ALA B 359 25.34 -32.45 -2.14
N SER B 360 24.22 -32.05 -1.51
CA SER B 360 23.36 -31.00 -2.07
C SER B 360 24.04 -29.67 -2.09
N TYR B 361 24.72 -29.31 -1.00
CA TYR B 361 25.55 -28.07 -0.96
C TYR B 361 26.71 -28.02 -1.96
N ARG B 362 27.46 -29.11 -2.08
CA ARG B 362 28.54 -29.16 -3.10
C ARG B 362 27.96 -28.95 -4.51
N PHE B 363 26.91 -29.72 -4.85
CA PHE B 363 26.22 -29.61 -6.15
C PHE B 363 25.90 -28.14 -6.46
N MET B 364 25.32 -27.40 -5.50
CA MET B 364 24.86 -26.04 -5.73
C MET B 364 26.03 -25.08 -5.85
N ASP B 365 27.11 -25.33 -5.09
CA ASP B 365 28.32 -24.47 -5.22
C ASP B 365 28.96 -24.58 -6.61
N ALA B 366 28.84 -25.77 -7.23
CA ALA B 366 29.41 -26.07 -8.51
C ALA B 366 28.54 -25.69 -9.71
N LEU B 367 27.33 -25.14 -9.48
CA LEU B 367 26.48 -24.76 -10.63
C LEU B 367 26.98 -23.51 -11.33
N LYS B 368 27.02 -23.50 -12.66
CA LYS B 368 27.47 -22.28 -13.33
C LYS B 368 26.36 -21.35 -13.95
N LEU B 369 25.20 -21.93 -14.27
CA LEU B 369 24.10 -21.15 -14.84
C LEU B 369 23.04 -20.86 -13.79
N ILE B 370 22.45 -21.93 -13.25
CA ILE B 370 21.50 -21.86 -12.15
C ILE B 370 22.15 -21.23 -10.92
N ARG B 371 21.51 -20.19 -10.38
CA ARG B 371 22.10 -19.46 -9.25
C ARG B 371 21.30 -19.67 -7.99
N ARG B 372 21.99 -19.71 -6.86
CA ARG B 372 21.33 -19.72 -5.57
C ARG B 372 20.72 -18.39 -5.27
N ALA B 373 19.47 -18.38 -4.84
CA ALA B 373 18.80 -17.12 -4.55
C ALA B 373 17.46 -17.41 -3.95
N THR B 374 16.85 -16.38 -3.38
CA THR B 374 15.53 -16.47 -2.73
C THR B 374 14.31 -16.33 -3.70
N ASN B 375 14.47 -15.61 -4.81
CA ASN B 375 13.33 -15.29 -5.65
C ASN B 375 12.90 -16.55 -6.41
N ILE B 376 11.65 -16.53 -6.89
CA ILE B 376 11.14 -17.57 -7.76
C ILE B 376 10.50 -16.87 -8.94
N HIS B 377 10.24 -17.62 -10.02
CA HIS B 377 9.59 -17.11 -11.24
C HIS B 377 10.35 -16.03 -11.99
N ASP B 378 11.66 -15.92 -11.75
CA ASP B 378 12.54 -15.20 -12.65
C ASP B 378 12.77 -15.89 -14.02
N ASN B 379 13.15 -15.11 -15.04
CA ASN B 379 13.65 -15.65 -16.30
C ASN B 379 14.86 -16.57 -16.10
N LYS B 380 15.72 -16.20 -15.16
CA LYS B 380 16.90 -16.99 -14.77
C LYS B 380 16.45 -18.16 -13.85
N SER B 381 17.07 -19.34 -14.02
CA SER B 381 16.75 -20.47 -13.18
C SER B 381 17.43 -20.31 -11.82
N LEU B 382 16.69 -20.56 -10.74
CA LEU B 382 17.21 -20.31 -9.39
C LEU B 382 16.95 -21.49 -8.47
N ILE B 383 17.87 -21.66 -7.52
CA ILE B 383 17.85 -22.84 -6.68
C ILE B 383 18.16 -22.42 -5.23
N LEU B 384 17.63 -23.18 -4.27
CA LEU B 384 18.00 -23.06 -2.86
C LEU B 384 17.59 -24.30 -2.10
N SER B 385 18.14 -24.38 -0.89
CA SER B 385 17.84 -25.43 0.05
C SER B 385 16.88 -24.80 1.04
N PRO B 386 15.59 -25.13 0.99
CA PRO B 386 14.61 -24.62 1.97
C PRO B 386 14.97 -24.92 3.43
N TYR B 387 15.50 -26.10 3.74
CA TYR B 387 16.01 -26.38 5.13
C TYR B 387 17.22 -25.50 5.48
N ILE B 404 10.37 -31.38 5.92
CA ILE B 404 11.27 -31.14 4.78
C ILE B 404 12.71 -31.68 4.99
N SER B 405 13.18 -32.51 4.06
CA SER B 405 14.53 -33.10 4.09
C SER B 405 15.65 -32.02 4.04
N PRO B 406 16.72 -32.20 4.84
CA PRO B 406 17.82 -31.24 4.73
C PRO B 406 18.55 -31.33 3.38
N ALA B 407 18.43 -32.45 2.69
CA ALA B 407 19.03 -32.66 1.38
C ALA B 407 18.19 -32.09 0.19
N MET B 408 17.01 -31.53 0.49
CA MET B 408 16.08 -31.08 -0.54
C MET B 408 16.48 -29.73 -1.07
N MET B 409 16.52 -29.63 -2.40
CA MET B 409 16.67 -28.30 -3.00
C MET B 409 15.39 -27.94 -3.77
N ARG B 410 15.05 -26.65 -3.75
CA ARG B 410 13.95 -26.19 -4.59
C ARG B 410 14.46 -25.39 -5.82
N LEU B 411 14.09 -25.88 -7.01
CA LEU B 411 14.52 -25.28 -8.24
C LEU B 411 13.37 -24.53 -8.91
N SER B 412 13.52 -23.22 -9.01
CA SER B 412 12.61 -22.41 -9.79
C SER B 412 13.18 -22.31 -11.24
N VAL B 413 12.56 -23.09 -12.15
CA VAL B 413 12.98 -23.23 -13.53
C VAL B 413 12.67 -22.02 -14.39
N GLY B 414 13.70 -21.55 -15.09
CA GLY B 414 13.55 -20.32 -15.92
C GLY B 414 13.43 -20.63 -17.42
N ILE B 415 13.84 -19.70 -18.25
CA ILE B 415 13.45 -19.84 -19.63
C ILE B 415 14.68 -20.21 -20.52
N GLU B 416 15.83 -20.45 -19.88
CA GLU B 416 17.04 -20.95 -20.60
C GLU B 416 16.67 -22.16 -21.44
N GLU B 417 17.36 -22.36 -22.58
CA GLU B 417 17.26 -23.60 -23.36
C GLU B 417 17.59 -24.79 -22.47
N ILE B 418 16.70 -25.80 -22.51
CA ILE B 418 16.74 -27.05 -21.71
C ILE B 418 18.12 -27.77 -21.71
N GLU B 419 18.75 -27.78 -22.88
CA GLU B 419 20.08 -28.39 -23.02
C GLU B 419 21.09 -27.77 -22.08
N ASP B 420 21.07 -26.44 -21.91
CA ASP B 420 22.08 -25.81 -21.03
C ASP B 420 21.77 -26.03 -19.56
N LEU B 421 20.49 -26.23 -19.24
CA LEU B 421 20.09 -26.43 -17.85
C LEU B 421 20.55 -27.83 -17.47
N LYS B 422 20.30 -28.78 -18.39
CA LYS B 422 20.66 -30.20 -18.20
C LYS B 422 22.16 -30.31 -18.03
N GLU B 423 22.86 -29.55 -18.87
CA GLU B 423 24.31 -29.57 -18.91
C GLU B 423 24.91 -28.97 -17.63
N ASP B 424 24.35 -27.88 -17.11
CA ASP B 424 24.86 -27.30 -15.87
C ASP B 424 24.63 -28.24 -14.69
N ILE B 425 23.47 -28.91 -14.66
CA ILE B 425 23.20 -29.84 -13.56
C ILE B 425 24.20 -31.01 -13.60
N LEU B 426 24.44 -31.56 -14.79
CA LEU B 426 25.39 -32.69 -15.01
C LEU B 426 26.80 -32.32 -14.60
N GLN B 427 27.27 -31.25 -15.19
CA GLN B 427 28.57 -30.73 -14.84
C GLN B 427 28.68 -30.57 -13.32
N ALA B 428 27.63 -30.05 -12.66
CA ALA B 428 27.80 -29.83 -11.20
C ALA B 428 27.80 -31.11 -10.36
N LEU B 429 27.42 -32.24 -10.97
CA LEU B 429 27.48 -33.58 -10.33
C LEU B 429 28.79 -34.26 -10.74
#